data_1V08
#
_entry.id   1V08
#
_cell.length_a   96.180
_cell.length_b   104.800
_cell.length_c   119.340
_cell.angle_alpha   90.00
_cell.angle_beta   90.00
_cell.angle_gamma   90.00
#
_symmetry.space_group_name_H-M   'P 21 21 21'
#
loop_
_entity.id
_entity.type
_entity.pdbx_description
1 polymer BETA-GLUCOSIDASE
2 non-polymer 'NOJIRIMYCINE TETRAZOLE'
3 water water
#
_entity_poly.entity_id   1
_entity_poly.type   'polypeptide(L)'
_entity_poly.pdbx_seq_one_letter_code
;SARVGSQNGVQMLSPSEIPQRDWFPSDFTFGAATSAYQIEGAWNEDGKGESNWDHFCHNHPERILDGSNSDIGANSYHMY
KTDVRLLKEMGMDAYRFSISWPRILPKGTKEGGINPDGIKYYRNLINLLLENGIEPYVTIFHWDVPQALEEKYGGFLDKS
HKSIVEDYTYFAKVCFDNFGDKVKNWLTFNDPQTFTSFSYGTGVFAPGRCSPGLDCAYPTGNSLVEPYTAGHNILLAHAE
AVDLYNKHYKRDDTRIGLAFDVMGRVPYGTSFLDKQAEERSWDINLGWFLEPVVRGDYPFSMRSLARERLPFFKDEQKEK
LAGSYNMLGLNYYTSRFSKNIDISPNYSPVLNTDDAYASQEVNGPDGKPIGPPMGNPWIYMYPEGLKDLLMIMKNKYGNP
PIYITENGIGDVDTKETPLPMEAALNDYKRLDYIQRHIATLKESIDLGSNVQGYFAWSLLDNFEWFAGFTERYGIVYVDR
NNNCTRYMKESAKWLKEFNTAKKPSKKILTPA
;
_entity_poly.pdbx_strand_id   A,B
#
loop_
_chem_comp.id
_chem_comp.type
_chem_comp.name
_chem_comp.formula
NTZ non-polymer 'NOJIRIMYCINE TETRAZOLE' 'C6 H10 N4 O4'
#
# COMPACT_ATOMS: atom_id res chain seq x y z
N MET A 12 26.63 -11.47 -27.54
CA MET A 12 26.95 -12.20 -26.28
C MET A 12 25.94 -13.36 -26.09
N LEU A 13 24.73 -13.22 -26.62
CA LEU A 13 23.77 -14.32 -26.66
C LEU A 13 24.26 -15.40 -27.63
N SER A 14 24.08 -16.66 -27.26
CA SER A 14 24.42 -17.79 -28.12
C SER A 14 23.43 -17.87 -29.31
N PRO A 15 23.77 -18.61 -30.37
CA PRO A 15 22.96 -18.62 -31.60
C PRO A 15 21.49 -18.94 -31.38
N SER A 16 21.17 -19.97 -30.59
CA SER A 16 19.78 -20.35 -30.36
C SER A 16 19.00 -19.38 -29.45
N GLU A 17 19.72 -18.48 -28.78
CA GLU A 17 19.13 -17.45 -27.93
C GLU A 17 18.85 -16.11 -28.65
N ILE A 18 19.46 -15.88 -29.81
CA ILE A 18 19.25 -14.65 -30.58
C ILE A 18 17.81 -14.65 -31.11
N PRO A 19 17.03 -13.60 -30.86
CA PRO A 19 15.65 -13.56 -31.35
C PRO A 19 15.53 -13.59 -32.87
N GLN A 20 14.46 -14.23 -33.35
CA GLN A 20 14.13 -14.28 -34.78
C GLN A 20 12.76 -13.66 -34.98
N ARG A 21 12.49 -13.19 -36.19
CA ARG A 21 11.24 -12.49 -36.47
C ARG A 21 10.04 -13.41 -36.30
N ASP A 22 10.17 -14.68 -36.71
CA ASP A 22 9.06 -15.64 -36.57
C ASP A 22 8.80 -16.09 -35.11
N TRP A 23 9.59 -15.58 -34.16
CA TRP A 23 9.26 -15.70 -32.74
C TRP A 23 8.01 -14.91 -32.38
N PHE A 24 7.66 -13.94 -33.21
CA PHE A 24 6.56 -13.01 -32.96
C PHE A 24 5.44 -13.18 -33.99
N PRO A 25 4.21 -12.79 -33.65
CA PRO A 25 3.08 -12.82 -34.59
C PRO A 25 3.35 -12.01 -35.86
N SER A 26 2.64 -12.32 -36.95
CA SER A 26 2.89 -11.66 -38.23
C SER A 26 2.47 -10.20 -38.23
N ASP A 27 1.54 -9.84 -37.35
CA ASP A 27 1.07 -8.46 -37.24
C ASP A 27 1.79 -7.63 -36.14
N PHE A 28 2.81 -8.21 -35.52
CA PHE A 28 3.65 -7.50 -34.55
C PHE A 28 4.47 -6.42 -35.26
N THR A 29 4.77 -5.33 -34.55
CA THR A 29 5.36 -4.12 -35.14
C THR A 29 6.76 -3.89 -34.60
N PHE A 30 7.73 -3.78 -35.51
CA PHE A 30 9.09 -3.37 -35.17
C PHE A 30 9.35 -2.03 -35.86
N GLY A 31 9.96 -1.11 -35.13
CA GLY A 31 10.14 0.25 -35.60
C GLY A 31 11.30 0.94 -34.92
N ALA A 32 11.48 2.21 -35.24
CA ALA A 32 12.41 3.09 -34.55
C ALA A 32 11.72 4.41 -34.25
N ALA A 33 12.32 5.20 -33.36
CA ALA A 33 11.66 6.37 -32.79
C ALA A 33 12.57 7.59 -32.77
N THR A 34 11.96 8.78 -32.96
CA THR A 34 12.63 10.06 -32.79
C THR A 34 11.67 11.07 -32.17
N SER A 35 12.18 12.28 -31.96
CA SER A 35 11.34 13.43 -31.61
C SER A 35 11.85 14.67 -32.31
N ALA A 36 10.93 15.62 -32.50
CA ALA A 36 11.10 16.76 -33.37
C ALA A 36 12.25 17.65 -32.95
N TYR A 37 12.27 18.11 -31.70
CA TYR A 37 13.35 19.00 -31.27
C TYR A 37 14.69 18.26 -31.36
N GLN A 38 14.69 16.96 -31.16
CA GLN A 38 15.95 16.22 -31.14
C GLN A 38 16.60 16.02 -32.52
N ILE A 39 15.79 15.91 -33.59
CA ILE A 39 16.31 15.59 -34.92
C ILE A 39 16.11 16.65 -36.01
N GLU A 40 15.08 17.49 -35.92
CA GLU A 40 14.64 18.25 -37.10
C GLU A 40 15.60 19.35 -37.53
N GLY A 41 16.07 20.14 -36.58
CA GLY A 41 16.81 21.34 -36.89
C GLY A 41 15.88 22.37 -37.45
N ALA A 42 16.39 23.21 -38.35
CA ALA A 42 15.59 24.23 -39.00
C ALA A 42 14.71 24.96 -37.97
N TRP A 43 15.33 25.37 -36.86
CA TRP A 43 14.59 25.82 -35.67
C TRP A 43 13.83 27.14 -35.87
N ASN A 44 14.31 27.96 -36.81
CA ASN A 44 13.71 29.26 -37.12
C ASN A 44 13.33 29.42 -38.59
N GLU A 45 13.13 28.30 -39.28
CA GLU A 45 12.88 28.31 -40.73
C GLU A 45 11.42 28.10 -41.06
N ASP A 46 11.01 28.66 -42.20
CA ASP A 46 9.71 28.41 -42.79
C ASP A 46 8.56 28.64 -41.81
N GLY A 47 8.63 29.76 -41.10
CA GLY A 47 7.57 30.20 -40.21
C GLY A 47 7.56 29.62 -38.80
N LYS A 48 8.46 28.68 -38.51
CA LYS A 48 8.43 28.04 -37.19
C LYS A 48 8.66 29.02 -36.03
N GLY A 49 7.82 28.90 -35.02
CA GLY A 49 7.95 29.69 -33.79
C GLY A 49 8.95 29.09 -32.82
N GLU A 50 9.47 29.96 -31.97
CA GLU A 50 10.39 29.60 -30.90
C GLU A 50 9.70 28.67 -29.92
N SER A 51 10.44 27.68 -29.44
CA SER A 51 9.97 26.78 -28.38
C SER A 51 10.71 27.02 -27.07
N ASN A 52 10.17 26.44 -26.00
CA ASN A 52 10.82 26.40 -24.69
C ASN A 52 12.26 25.90 -24.76
N TRP A 53 12.53 24.91 -25.59
CA TRP A 53 13.88 24.33 -25.69
C TRP A 53 14.84 25.21 -26.51
N ASP A 54 14.33 25.86 -27.55
CA ASP A 54 15.12 26.89 -28.26
C ASP A 54 15.56 27.95 -27.25
N HIS A 55 14.58 28.44 -26.48
CA HIS A 55 14.79 29.50 -25.50
C HIS A 55 15.81 29.12 -24.44
N PHE A 56 15.70 27.88 -23.96
CA PHE A 56 16.55 27.36 -22.89
C PHE A 56 18.00 27.16 -23.34
N CYS A 57 18.20 26.51 -24.47
CA CYS A 57 19.55 26.24 -24.98
C CYS A 57 20.27 27.53 -25.36
N HIS A 58 19.54 28.49 -25.95
CA HIS A 58 20.15 29.72 -26.42
C HIS A 58 20.54 30.63 -25.26
N ASN A 59 19.71 30.67 -24.23
CA ASN A 59 19.91 31.58 -23.11
C ASN A 59 20.70 30.96 -21.96
N HIS A 60 20.75 29.63 -21.93
CA HIS A 60 21.46 28.92 -20.88
C HIS A 60 22.28 27.76 -21.43
N PRO A 61 23.28 28.06 -22.26
CA PRO A 61 24.20 27.02 -22.73
C PRO A 61 24.97 26.33 -21.59
N GLU A 62 25.17 27.04 -20.49
CA GLU A 62 25.83 26.46 -19.30
C GLU A 62 25.05 25.28 -18.67
N ARG A 63 23.76 25.16 -18.99
CA ARG A 63 22.94 24.05 -18.50
C ARG A 63 22.87 22.85 -19.43
N ILE A 64 23.58 22.93 -20.55
CA ILE A 64 23.79 21.82 -21.45
C ILE A 64 25.24 21.37 -21.27
N LEU A 65 25.44 20.07 -21.18
CA LEU A 65 26.73 19.51 -20.77
C LEU A 65 27.87 19.99 -21.68
N ASP A 66 27.65 19.95 -23.00
CA ASP A 66 28.65 20.41 -23.98
C ASP A 66 28.35 21.79 -24.57
N GLY A 67 27.41 22.51 -23.97
CA GLY A 67 27.05 23.86 -24.40
C GLY A 67 26.31 23.96 -25.72
N SER A 68 25.73 22.85 -26.17
CA SER A 68 25.15 22.78 -27.51
C SER A 68 23.66 23.09 -27.52
N ASN A 69 23.11 23.14 -28.73
CA ASN A 69 21.69 23.32 -28.96
C ASN A 69 21.28 22.42 -30.13
N SER A 70 19.97 22.33 -30.40
CA SER A 70 19.46 21.58 -31.55
C SER A 70 18.97 22.49 -32.69
N ASP A 71 19.75 23.55 -32.98
CA ASP A 71 19.50 24.41 -34.13
C ASP A 71 19.54 23.59 -35.42
N ILE A 72 20.46 22.62 -35.47
CA ILE A 72 20.60 21.72 -36.60
C ILE A 72 20.10 20.30 -36.31
N GLY A 73 20.35 19.79 -35.10
CA GLY A 73 19.92 18.44 -34.74
C GLY A 73 20.57 17.41 -35.62
N ALA A 74 19.76 16.57 -36.26
CA ALA A 74 20.22 15.70 -37.34
C ALA A 74 19.72 16.20 -38.71
N ASN A 75 19.18 17.42 -38.74
CA ASN A 75 18.79 18.09 -39.98
C ASN A 75 17.68 17.35 -40.71
N SER A 76 16.80 16.71 -39.94
CA SER A 76 15.76 15.85 -40.50
C SER A 76 14.61 16.63 -41.15
N TYR A 77 14.53 17.94 -40.90
CA TYR A 77 13.58 18.78 -41.61
C TYR A 77 13.93 18.76 -43.11
N HIS A 78 15.21 18.94 -43.43
CA HIS A 78 15.68 18.91 -44.82
C HIS A 78 15.97 17.50 -45.32
N MET A 79 16.26 16.57 -44.42
CA MET A 79 16.78 15.25 -44.78
C MET A 79 15.82 14.10 -44.49
N TYR A 80 14.54 14.39 -44.28
CA TYR A 80 13.56 13.36 -43.96
C TYR A 80 13.48 12.22 -44.98
N LYS A 81 13.73 12.52 -46.25
CA LYS A 81 13.70 11.49 -47.31
C LYS A 81 14.72 10.38 -47.07
N THR A 82 15.92 10.74 -46.63
CA THR A 82 16.88 9.70 -46.29
C THR A 82 16.50 9.00 -44.96
N ASP A 83 15.81 9.68 -44.06
CA ASP A 83 15.31 9.00 -42.85
C ASP A 83 14.36 7.87 -43.25
N VAL A 84 13.44 8.14 -44.18
CA VAL A 84 12.51 7.14 -44.65
C VAL A 84 13.20 6.01 -45.44
N ARG A 85 14.16 6.37 -46.27
CA ARG A 85 14.97 5.39 -46.99
C ARG A 85 15.65 4.42 -46.02
N LEU A 86 16.19 4.93 -44.92
CA LEU A 86 16.86 4.10 -43.92
C LEU A 86 15.88 3.12 -43.25
N LEU A 87 14.70 3.63 -42.88
CA LEU A 87 13.67 2.80 -42.27
C LEU A 87 13.26 1.68 -43.21
N LYS A 88 13.08 2.01 -44.50
CA LYS A 88 12.64 1.09 -45.53
C LYS A 88 13.68 -0.02 -45.76
N GLU A 89 14.95 0.39 -45.80
CA GLU A 89 16.07 -0.54 -45.94
C GLU A 89 16.13 -1.54 -44.80
N MET A 90 15.80 -1.09 -43.59
CA MET A 90 15.87 -1.95 -42.42
C MET A 90 14.62 -2.83 -42.30
N GLY A 91 13.63 -2.64 -43.16
CA GLY A 91 12.41 -3.43 -43.10
C GLY A 91 11.49 -3.08 -41.93
N MET A 92 11.67 -1.88 -41.37
CA MET A 92 10.83 -1.42 -40.27
C MET A 92 9.37 -1.34 -40.70
N ASP A 93 8.50 -1.83 -39.82
CA ASP A 93 7.04 -1.77 -40.02
C ASP A 93 6.49 -0.40 -39.71
N ALA A 94 7.16 0.33 -38.83
CA ALA A 94 6.63 1.58 -38.30
C ALA A 94 7.73 2.56 -37.93
N TYR A 95 7.36 3.84 -37.87
CA TYR A 95 8.25 4.91 -37.44
C TYR A 95 7.49 5.81 -36.46
N ARG A 96 8.06 6.00 -35.27
CA ARG A 96 7.50 6.88 -34.28
C ARG A 96 8.27 8.18 -34.32
N PHE A 97 7.56 9.27 -34.57
CA PHE A 97 8.14 10.61 -34.59
C PHE A 97 7.16 11.57 -33.94
N SER A 98 7.60 12.79 -33.66
CA SER A 98 6.73 13.80 -33.03
C SER A 98 6.54 15.05 -33.91
N ILE A 99 5.46 15.78 -33.63
CA ILE A 99 5.11 17.01 -34.31
C ILE A 99 5.51 18.18 -33.43
N SER A 100 6.19 19.16 -34.02
CA SER A 100 6.59 20.36 -33.31
C SER A 100 5.41 21.32 -33.23
N TRP A 101 4.89 21.49 -32.02
CA TRP A 101 3.78 22.41 -31.78
C TRP A 101 4.07 23.79 -32.39
N PRO A 102 5.20 24.41 -32.08
CA PRO A 102 5.49 25.74 -32.62
C PRO A 102 5.83 25.76 -34.13
N ARG A 103 6.16 24.62 -34.73
CA ARG A 103 6.33 24.57 -36.18
C ARG A 103 4.96 24.62 -36.88
N ILE A 104 3.93 24.09 -36.22
CA ILE A 104 2.55 24.08 -36.71
C ILE A 104 1.75 25.34 -36.35
N LEU A 105 1.95 25.81 -35.13
CA LEU A 105 1.23 26.95 -34.56
C LEU A 105 2.27 27.82 -33.87
N PRO A 106 2.90 28.72 -34.63
CA PRO A 106 4.05 29.49 -34.13
C PRO A 106 3.81 30.32 -32.87
N LYS A 107 2.58 30.77 -32.63
CA LYS A 107 2.23 31.48 -31.40
C LYS A 107 1.51 30.57 -30.40
N GLY A 108 1.30 29.31 -30.79
CA GLY A 108 0.74 28.30 -29.93
C GLY A 108 -0.76 28.33 -29.81
N THR A 109 -1.42 29.22 -30.56
CA THR A 109 -2.86 29.44 -30.46
C THR A 109 -3.54 29.42 -31.83
N LYS A 110 -4.86 29.25 -31.82
CA LYS A 110 -5.69 29.43 -33.01
C LYS A 110 -5.56 30.86 -33.58
N GLU A 111 -5.52 31.84 -32.68
CA GLU A 111 -5.43 33.26 -33.02
C GLU A 111 -4.21 33.54 -33.88
N GLY A 112 -3.09 32.90 -33.55
CA GLY A 112 -1.82 33.12 -34.21
C GLY A 112 -1.72 32.49 -35.59
N GLY A 113 -2.57 31.50 -35.86
CA GLY A 113 -2.70 30.94 -37.19
C GLY A 113 -1.84 29.70 -37.38
N ILE A 114 -2.28 28.88 -38.34
CA ILE A 114 -1.57 27.67 -38.73
C ILE A 114 -0.46 28.04 -39.71
N ASN A 115 0.69 27.39 -39.56
CA ASN A 115 1.83 27.63 -40.42
C ASN A 115 1.83 26.61 -41.57
N PRO A 116 1.54 27.04 -42.79
CA PRO A 116 1.35 26.09 -43.89
C PRO A 116 2.60 25.25 -44.22
N ASP A 117 3.79 25.80 -44.06
CA ASP A 117 5.03 25.05 -44.32
C ASP A 117 5.25 23.96 -43.28
N GLY A 118 4.75 24.17 -42.07
CA GLY A 118 4.79 23.16 -41.02
C GLY A 118 3.90 21.98 -41.35
N ILE A 119 2.67 22.27 -41.72
CA ILE A 119 1.71 21.24 -42.10
C ILE A 119 2.25 20.41 -43.26
N LYS A 120 2.79 21.09 -44.26
CA LYS A 120 3.27 20.46 -45.49
C LYS A 120 4.42 19.51 -45.18
N TYR A 121 5.29 19.90 -44.27
CA TYR A 121 6.41 19.03 -43.88
C TYR A 121 5.93 17.70 -43.33
N TYR A 122 5.03 17.73 -42.35
CA TYR A 122 4.55 16.48 -41.74
C TYR A 122 3.64 15.70 -42.71
N ARG A 123 2.89 16.41 -43.53
CA ARG A 123 2.08 15.77 -44.57
C ARG A 123 2.98 14.95 -45.51
N ASN A 124 4.09 15.55 -45.94
CA ASN A 124 5.01 14.91 -46.87
C ASN A 124 5.74 13.73 -46.23
N LEU A 125 6.12 13.87 -44.97
CA LEU A 125 6.78 12.79 -44.26
C LEU A 125 5.81 11.62 -44.12
N ILE A 126 4.58 11.91 -43.72
CA ILE A 126 3.56 10.89 -43.51
C ILE A 126 3.23 10.15 -44.81
N ASN A 127 3.05 10.92 -45.90
CA ASN A 127 2.76 10.33 -47.21
C ASN A 127 3.93 9.47 -47.73
N LEU A 128 5.15 9.95 -47.54
CA LEU A 128 6.33 9.18 -47.96
C LEU A 128 6.43 7.87 -47.19
N LEU A 129 6.17 7.92 -45.88
CA LEU A 129 6.25 6.73 -45.04
C LEU A 129 5.24 5.70 -45.55
N LEU A 130 4.01 6.15 -45.81
CA LEU A 130 2.91 5.26 -46.22
C LEU A 130 3.08 4.63 -47.61
N GLU A 131 3.63 5.38 -48.57
CA GLU A 131 3.87 4.81 -49.89
C GLU A 131 5.06 3.84 -49.89
N ASN A 132 5.86 3.88 -48.83
CA ASN A 132 6.89 2.90 -48.56
C ASN A 132 6.46 1.76 -47.64
N GLY A 133 5.18 1.70 -47.27
CA GLY A 133 4.65 0.66 -46.41
C GLY A 133 5.07 0.73 -44.94
N ILE A 134 5.32 1.94 -44.43
CA ILE A 134 5.73 2.16 -43.05
C ILE A 134 4.62 2.93 -42.31
N GLU A 135 4.15 2.37 -41.20
CA GLU A 135 3.05 2.97 -40.45
C GLU A 135 3.56 4.08 -39.53
N PRO A 136 3.04 5.30 -39.66
CA PRO A 136 3.39 6.36 -38.72
C PRO A 136 2.71 6.23 -37.34
N TYR A 137 3.51 6.32 -36.28
CA TYR A 137 3.03 6.44 -34.91
C TYR A 137 3.40 7.84 -34.44
N VAL A 138 2.41 8.70 -34.32
CA VAL A 138 2.70 10.13 -34.17
C VAL A 138 2.47 10.62 -32.74
N THR A 139 3.53 11.15 -32.14
CA THR A 139 3.48 11.79 -30.84
C THR A 139 3.15 13.25 -31.06
N ILE A 140 2.03 13.71 -30.51
CA ILE A 140 1.64 15.10 -30.64
C ILE A 140 2.56 16.01 -29.83
N PHE A 141 2.87 15.64 -28.58
CA PHE A 141 3.72 16.45 -27.71
C PHE A 141 4.90 15.66 -27.13
N HIS A 142 6.11 16.04 -27.56
CA HIS A 142 7.35 15.52 -27.02
C HIS A 142 8.23 16.70 -26.50
N TRP A 143 7.64 17.47 -25.58
CA TRP A 143 8.34 18.41 -24.68
C TRP A 143 8.58 19.82 -25.22
N ASP A 144 8.21 20.07 -26.48
CA ASP A 144 8.53 21.33 -27.16
C ASP A 144 7.31 22.28 -27.16
N VAL A 145 7.17 23.02 -26.08
CA VAL A 145 6.08 23.99 -25.91
C VAL A 145 6.42 25.29 -26.65
N PRO A 146 5.47 25.85 -27.39
CA PRO A 146 5.72 27.18 -27.98
C PRO A 146 6.07 28.19 -26.89
N GLN A 147 7.20 28.87 -27.05
CA GLN A 147 7.67 29.84 -26.06
C GLN A 147 6.65 30.96 -25.84
N ALA A 148 5.82 31.26 -26.84
CA ALA A 148 4.77 32.26 -26.66
C ALA A 148 3.79 31.91 -25.52
N LEU A 149 3.46 30.62 -25.38
CA LEU A 149 2.60 30.16 -24.29
C LEU A 149 3.32 30.12 -22.94
N GLU A 150 4.61 29.85 -22.97
CA GLU A 150 5.42 29.91 -21.77
C GLU A 150 5.41 31.33 -21.22
N GLU A 151 5.49 32.33 -22.11
CA GLU A 151 5.56 33.73 -21.69
C GLU A 151 4.18 34.25 -21.28
N LYS A 152 3.14 33.75 -21.93
CA LYS A 152 1.77 34.20 -21.68
C LYS A 152 1.27 33.73 -20.32
N TYR A 153 1.35 32.43 -20.04
CA TYR A 153 0.81 31.87 -18.79
C TYR A 153 1.59 30.71 -18.17
N GLY A 154 2.83 30.50 -18.62
CA GLY A 154 3.73 29.49 -18.07
C GLY A 154 3.62 28.11 -18.70
N GLY A 155 2.91 28.03 -19.82
CA GLY A 155 2.66 26.76 -20.46
C GLY A 155 1.88 25.83 -19.56
N PHE A 156 2.44 24.65 -19.32
CA PHE A 156 1.76 23.65 -18.49
C PHE A 156 1.70 24.01 -17.02
N LEU A 157 2.38 25.09 -16.61
CA LEU A 157 2.23 25.64 -15.26
C LEU A 157 0.93 26.43 -15.06
N ASP A 158 0.18 26.67 -16.14
CA ASP A 158 -1.05 27.45 -16.12
C ASP A 158 -1.94 27.16 -14.90
N LYS A 159 -1.97 28.10 -13.96
CA LYS A 159 -2.73 27.91 -12.70
C LYS A 159 -4.23 27.98 -12.91
N SER A 160 -4.67 28.44 -14.08
CA SER A 160 -6.09 28.46 -14.43
C SER A 160 -6.64 27.08 -14.77
N HIS A 161 -5.77 26.13 -15.13
CA HIS A 161 -6.19 24.82 -15.62
C HIS A 161 -7.19 24.93 -16.78
N LYS A 162 -6.99 25.95 -17.61
CA LYS A 162 -7.95 26.27 -18.68
C LYS A 162 -7.24 26.63 -19.99
N SER A 163 -6.42 27.68 -19.97
CA SER A 163 -5.77 28.17 -21.19
C SER A 163 -4.92 27.12 -21.90
N ILE A 164 -4.03 26.46 -21.14
CA ILE A 164 -3.17 25.40 -21.70
C ILE A 164 -3.96 24.21 -22.21
N VAL A 165 -5.09 23.91 -21.58
CA VAL A 165 -5.96 22.83 -22.00
C VAL A 165 -6.60 23.17 -23.35
N GLU A 166 -7.14 24.38 -23.48
CA GLU A 166 -7.75 24.83 -24.72
C GLU A 166 -6.73 24.90 -25.87
N ASP A 167 -5.52 25.36 -25.58
CA ASP A 167 -4.48 25.55 -26.58
C ASP A 167 -3.93 24.21 -27.04
N TYR A 168 -3.73 23.29 -26.10
CA TYR A 168 -3.29 21.94 -26.46
C TYR A 168 -4.39 21.24 -27.26
N THR A 169 -5.64 21.41 -26.86
CA THR A 169 -6.72 20.68 -27.51
C THR A 169 -6.86 21.18 -28.93
N TYR A 170 -6.69 22.49 -29.12
CA TYR A 170 -6.71 23.08 -30.46
C TYR A 170 -5.53 22.55 -31.29
N PHE A 171 -4.36 22.40 -30.68
CA PHE A 171 -3.20 21.85 -31.37
C PHE A 171 -3.50 20.43 -31.85
N ALA A 172 -4.09 19.63 -30.97
CA ALA A 172 -4.50 18.27 -31.29
C ALA A 172 -5.53 18.28 -32.43
N LYS A 173 -6.46 19.22 -32.39
CA LYS A 173 -7.49 19.36 -33.43
C LYS A 173 -6.85 19.64 -34.78
N VAL A 174 -5.84 20.50 -34.81
CA VAL A 174 -5.14 20.83 -36.05
C VAL A 174 -4.44 19.58 -36.62
N CYS A 175 -3.80 18.81 -35.74
CA CYS A 175 -3.17 17.53 -36.12
C CYS A 175 -4.18 16.53 -36.69
N PHE A 176 -5.33 16.37 -36.03
CA PHE A 176 -6.36 15.45 -36.49
C PHE A 176 -6.96 15.91 -37.83
N ASP A 177 -7.20 17.21 -37.95
CA ASP A 177 -7.80 17.82 -39.16
C ASP A 177 -6.89 17.65 -40.37
N ASN A 178 -5.60 17.88 -40.18
CA ASN A 178 -4.66 17.91 -41.28
C ASN A 178 -3.96 16.60 -41.59
N PHE A 179 -3.97 15.66 -40.65
CA PHE A 179 -3.24 14.40 -40.84
C PHE A 179 -4.06 13.15 -40.55
N GLY A 180 -5.26 13.32 -39.99
CA GLY A 180 -5.98 12.20 -39.42
C GLY A 180 -6.48 11.20 -40.42
N ASP A 181 -6.67 11.62 -41.67
CA ASP A 181 -7.07 10.70 -42.74
C ASP A 181 -6.00 9.66 -43.07
N LYS A 182 -4.73 9.97 -42.75
CA LYS A 182 -3.61 9.09 -43.01
C LYS A 182 -3.00 8.46 -41.75
N VAL A 183 -3.09 9.16 -40.62
CA VAL A 183 -2.56 8.67 -39.35
C VAL A 183 -3.62 7.88 -38.58
N LYS A 184 -3.27 6.65 -38.22
CA LYS A 184 -4.14 5.74 -37.48
C LYS A 184 -3.63 5.47 -36.06
N ASN A 185 -2.51 6.07 -35.68
CA ASN A 185 -1.89 5.83 -34.37
C ASN A 185 -1.33 7.10 -33.77
N TRP A 186 -1.96 7.57 -32.69
CA TRP A 186 -1.67 8.86 -32.07
C TRP A 186 -1.27 8.66 -30.61
N LEU A 187 -0.22 9.36 -30.18
CA LEU A 187 0.16 9.44 -28.77
C LEU A 187 0.11 10.91 -28.39
N THR A 188 -0.78 11.26 -27.48
CA THR A 188 -0.98 12.66 -27.10
C THR A 188 0.26 13.24 -26.43
N PHE A 189 0.85 12.49 -25.50
CA PHE A 189 1.99 12.96 -24.71
C PHE A 189 3.09 11.91 -24.60
N ASN A 190 4.34 12.38 -24.57
CA ASN A 190 5.50 11.54 -24.24
C ASN A 190 6.09 11.86 -22.86
N ASP A 191 6.30 10.82 -22.05
CA ASP A 191 6.94 10.97 -20.73
C ASP A 191 6.42 12.13 -19.87
N PRO A 192 5.14 12.18 -19.55
CA PRO A 192 4.67 13.21 -18.63
C PRO A 192 5.49 13.25 -17.31
N GLN A 193 5.93 12.11 -16.78
CA GLN A 193 6.65 12.09 -15.50
C GLN A 193 8.02 12.72 -15.63
N THR A 194 8.80 12.29 -16.60
CA THR A 194 10.10 12.91 -16.84
C THR A 194 9.95 14.38 -17.14
N PHE A 195 8.98 14.73 -17.99
CA PHE A 195 8.83 16.11 -18.42
C PHE A 195 8.54 17.02 -17.23
N THR A 196 7.59 16.65 -16.39
CA THR A 196 7.22 17.50 -15.27
C THR A 196 8.32 17.50 -14.18
N SER A 197 8.86 16.34 -13.87
CA SER A 197 9.86 16.21 -12.81
C SER A 197 11.16 16.93 -13.15
N PHE A 198 11.60 16.81 -14.40
CA PHE A 198 12.87 17.41 -14.81
C PHE A 198 12.73 18.90 -15.16
N SER A 199 11.57 19.32 -15.68
CA SER A 199 11.36 20.71 -16.04
C SER A 199 11.10 21.60 -14.80
N TYR A 200 10.42 21.06 -13.80
CA TYR A 200 9.94 21.85 -12.67
C TYR A 200 10.32 21.33 -11.30
N GLY A 201 11.07 20.22 -11.24
CA GLY A 201 11.46 19.61 -9.98
C GLY A 201 12.95 19.81 -9.79
N THR A 202 13.76 19.12 -10.59
CA THR A 202 15.20 19.32 -10.64
C THR A 202 15.63 20.45 -11.56
N GLY A 203 14.74 20.85 -12.48
CA GLY A 203 15.03 21.97 -13.36
C GLY A 203 16.15 21.76 -14.37
N VAL A 204 16.48 20.49 -14.67
CA VAL A 204 17.49 20.17 -15.68
C VAL A 204 16.97 20.30 -17.13
N PHE A 205 15.65 20.34 -17.27
CA PHE A 205 14.97 20.55 -18.55
C PHE A 205 14.40 21.97 -18.58
N ALA A 206 14.23 22.48 -19.79
CA ALA A 206 13.57 23.77 -20.02
C ALA A 206 12.21 23.82 -19.34
N PRO A 207 11.82 24.94 -18.71
CA PRO A 207 12.55 26.21 -18.68
C PRO A 207 13.59 26.33 -17.57
N GLY A 208 13.71 25.29 -16.73
CA GLY A 208 14.80 25.19 -15.77
C GLY A 208 14.41 25.69 -14.39
N ARG A 209 13.23 25.27 -13.92
CA ARG A 209 12.69 25.76 -12.63
C ARG A 209 12.81 24.73 -11.51
N CYS A 210 13.05 25.24 -10.31
CA CYS A 210 13.20 24.43 -9.10
C CYS A 210 13.01 25.30 -7.85
N SER A 211 12.93 24.67 -6.67
CA SER A 211 12.77 25.40 -5.42
C SER A 211 13.99 26.28 -5.12
N PRO A 212 13.80 27.41 -4.45
CA PRO A 212 14.91 28.17 -3.89
C PRO A 212 15.89 27.29 -3.13
N GLY A 213 17.18 27.50 -3.34
CA GLY A 213 18.21 26.71 -2.68
C GLY A 213 18.75 25.58 -3.52
N LEU A 214 18.08 25.27 -4.64
CA LEU A 214 18.51 24.18 -5.51
C LEU A 214 19.23 24.70 -6.75
N ASP A 215 20.05 23.84 -7.33
CA ASP A 215 20.92 24.19 -8.43
C ASP A 215 20.24 24.05 -9.81
N CYS A 216 19.54 25.10 -10.22
CA CYS A 216 19.00 25.20 -11.59
C CYS A 216 19.04 26.67 -12.04
N ALA A 217 18.63 26.92 -13.27
CA ALA A 217 18.73 28.26 -13.87
C ALA A 217 17.82 29.28 -13.20
N TYR A 218 16.64 28.83 -12.76
CA TYR A 218 15.65 29.70 -12.12
C TYR A 218 15.11 29.05 -10.85
N PRO A 219 15.82 29.24 -9.74
CA PRO A 219 15.40 28.65 -8.46
C PRO A 219 14.34 29.48 -7.73
N THR A 220 13.29 29.85 -8.45
CA THR A 220 12.17 30.63 -7.93
C THR A 220 10.82 29.89 -8.07
N GLY A 221 10.89 28.59 -8.37
CA GLY A 221 9.70 27.76 -8.45
C GLY A 221 9.40 27.03 -7.14
N ASN A 222 8.96 25.78 -7.29
CA ASN A 222 8.58 24.94 -6.17
C ASN A 222 8.56 23.50 -6.65
N SER A 223 9.62 22.77 -6.33
CA SER A 223 9.80 21.40 -6.79
C SER A 223 8.80 20.43 -6.20
N LEU A 224 8.10 20.85 -5.15
CA LEU A 224 7.11 20.02 -4.48
C LEU A 224 5.69 20.24 -5.07
N VAL A 225 5.52 21.28 -5.88
CA VAL A 225 4.19 21.69 -6.33
C VAL A 225 4.08 21.82 -7.85
N GLU A 226 5.02 22.52 -8.48
CA GLU A 226 4.97 22.78 -9.92
C GLU A 226 4.87 21.52 -10.80
N PRO A 227 5.63 20.47 -10.48
CA PRO A 227 5.49 19.21 -11.22
C PRO A 227 4.08 18.63 -11.20
N TYR A 228 3.40 18.69 -10.06
CA TYR A 228 2.02 18.22 -9.98
C TYR A 228 1.04 19.14 -10.71
N THR A 229 1.29 20.44 -10.67
CA THR A 229 0.45 21.39 -11.39
C THR A 229 0.54 21.11 -12.90
N ALA A 230 1.76 20.98 -13.39
CA ALA A 230 2.04 20.66 -14.78
C ALA A 230 1.45 19.30 -15.17
N GLY A 231 1.59 18.32 -14.29
CA GLY A 231 1.07 16.99 -14.53
C GLY A 231 -0.45 17.00 -14.64
N HIS A 232 -1.08 17.80 -13.79
CA HIS A 232 -2.53 17.89 -13.78
C HIS A 232 -3.00 18.49 -15.09
N ASN A 233 -2.32 19.53 -15.56
CA ASN A 233 -2.65 20.15 -16.84
C ASN A 233 -2.43 19.21 -18.02
N ILE A 234 -1.36 18.41 -17.99
CA ILE A 234 -1.15 17.39 -19.02
C ILE A 234 -2.32 16.40 -19.07
N LEU A 235 -2.76 15.94 -17.91
CA LEU A 235 -3.85 14.96 -17.87
C LEU A 235 -5.17 15.55 -18.32
N LEU A 236 -5.44 16.81 -17.97
CA LEU A 236 -6.65 17.50 -18.42
C LEU A 236 -6.64 17.68 -19.95
N ALA A 237 -5.45 17.97 -20.50
CA ALA A 237 -5.27 18.19 -21.93
C ALA A 237 -5.44 16.87 -22.71
N HIS A 238 -4.81 15.80 -22.20
CA HIS A 238 -4.98 14.47 -22.75
C HIS A 238 -6.46 14.09 -22.81
N ALA A 239 -7.17 14.28 -21.71
CA ALA A 239 -8.57 13.84 -21.62
C ALA A 239 -9.42 14.59 -22.65
N GLU A 240 -9.15 15.87 -22.81
CA GLU A 240 -9.92 16.72 -23.71
C GLU A 240 -9.63 16.36 -25.17
N ALA A 241 -8.37 16.08 -25.47
CA ALA A 241 -7.97 15.73 -26.83
C ALA A 241 -8.55 14.37 -27.25
N VAL A 242 -8.53 13.41 -26.34
CA VAL A 242 -9.10 12.09 -26.60
C VAL A 242 -10.63 12.15 -26.70
N ASP A 243 -11.25 13.03 -25.93
CA ASP A 243 -12.70 13.23 -26.02
C ASP A 243 -13.05 13.78 -27.40
N LEU A 244 -12.28 14.78 -27.86
CA LEU A 244 -12.43 15.33 -29.21
C LEU A 244 -12.24 14.26 -30.26
N TYR A 245 -11.19 13.47 -30.11
CA TYR A 245 -10.86 12.42 -31.06
C TYR A 245 -11.99 11.39 -31.17
N ASN A 246 -12.47 10.90 -30.03
CA ASN A 246 -13.55 9.92 -29.98
C ASN A 246 -14.83 10.40 -30.66
N LYS A 247 -15.15 11.68 -30.48
CA LYS A 247 -16.39 12.25 -31.01
C LYS A 247 -16.36 12.54 -32.51
N HIS A 248 -15.23 13.01 -33.03
CA HIS A 248 -15.21 13.54 -34.40
C HIS A 248 -14.20 12.91 -35.36
N TYR A 249 -13.26 12.11 -34.85
CA TYR A 249 -12.12 11.67 -35.67
C TYR A 249 -11.80 10.18 -35.68
N LYS A 250 -12.24 9.44 -34.66
CA LYS A 250 -11.85 8.04 -34.50
C LYS A 250 -12.57 7.18 -35.52
N ARG A 251 -11.83 6.21 -36.09
CA ARG A 251 -12.43 5.16 -36.91
C ARG A 251 -12.13 3.80 -36.29
N ASP A 252 -12.73 2.75 -36.85
CA ASP A 252 -12.61 1.37 -36.34
C ASP A 252 -11.16 0.92 -36.17
N ASP A 253 -10.32 1.30 -37.12
CA ASP A 253 -8.92 0.88 -37.16
C ASP A 253 -7.91 1.92 -36.66
N THR A 254 -8.37 3.00 -36.04
CA THR A 254 -7.43 3.97 -35.46
C THR A 254 -7.39 3.91 -33.93
N ARG A 255 -6.31 4.43 -33.38
CA ARG A 255 -6.02 4.28 -31.96
C ARG A 255 -5.31 5.51 -31.42
N ILE A 256 -5.60 5.85 -30.17
CA ILE A 256 -4.96 6.96 -29.49
C ILE A 256 -4.57 6.53 -28.07
N GLY A 257 -3.50 7.09 -27.56
CA GLY A 257 -3.02 6.82 -26.22
C GLY A 257 -1.94 7.80 -25.84
N LEU A 258 -1.08 7.40 -24.91
CA LEU A 258 0.11 8.18 -24.57
C LEU A 258 1.23 7.23 -24.17
N ALA A 259 2.43 7.78 -24.00
CA ALA A 259 3.61 6.99 -23.69
C ALA A 259 4.23 7.45 -22.36
N PHE A 260 4.52 6.47 -21.50
CA PHE A 260 5.04 6.73 -20.16
C PHE A 260 6.47 6.27 -20.06
N ASP A 261 7.32 7.08 -19.42
CA ASP A 261 8.65 6.61 -19.01
C ASP A 261 8.45 5.75 -17.77
N VAL A 262 9.18 4.64 -17.70
CA VAL A 262 9.08 3.76 -16.54
C VAL A 262 10.35 2.93 -16.35
N MET A 263 10.94 3.08 -15.17
CA MET A 263 11.98 2.15 -14.71
C MET A 263 11.32 1.04 -13.92
N GLY A 264 11.84 -0.17 -14.06
CA GLY A 264 11.37 -1.26 -13.25
C GLY A 264 11.79 -1.00 -11.82
N ARG A 265 11.03 -1.55 -10.88
CA ARG A 265 11.34 -1.44 -9.45
C ARG A 265 11.40 -2.83 -8.84
N VAL A 266 12.42 -3.06 -8.01
CA VAL A 266 12.61 -4.33 -7.34
C VAL A 266 12.88 -4.01 -5.87
N PRO A 267 12.30 -4.73 -4.91
CA PRO A 267 12.59 -4.43 -3.50
C PRO A 267 14.08 -4.62 -3.19
N TYR A 268 14.65 -3.67 -2.49
CA TYR A 268 16.07 -3.69 -2.13
C TYR A 268 16.43 -4.94 -1.32
N GLY A 269 15.70 -5.17 -0.24
CA GLY A 269 15.91 -6.31 0.65
C GLY A 269 14.70 -7.22 0.70
N THR A 270 14.74 -8.19 1.61
CA THR A 270 13.61 -9.14 1.76
C THR A 270 12.49 -8.60 2.65
N SER A 271 12.73 -7.48 3.33
CA SER A 271 11.77 -6.90 4.26
C SER A 271 10.47 -6.47 3.55
N PHE A 272 9.32 -6.69 4.20
CA PHE A 272 8.05 -6.22 3.64
C PHE A 272 8.02 -4.70 3.48
N LEU A 273 8.81 -3.97 4.28
CA LEU A 273 8.95 -2.53 4.13
C LEU A 273 9.47 -2.12 2.74
N ASP A 274 10.42 -2.88 2.21
CA ASP A 274 10.93 -2.62 0.86
C ASP A 274 9.96 -3.05 -0.25
N LYS A 275 9.11 -4.03 0.04
CA LYS A 275 8.00 -4.35 -0.87
C LYS A 275 7.03 -3.17 -0.89
N GLN A 276 6.77 -2.56 0.26
CA GLN A 276 5.89 -1.39 0.33
C GLN A 276 6.53 -0.20 -0.42
N ALA A 277 7.85 -0.04 -0.27
CA ALA A 277 8.57 1.03 -0.93
C ALA A 277 8.56 0.85 -2.44
N GLU A 278 8.73 -0.39 -2.89
CA GLU A 278 8.65 -0.76 -4.29
C GLU A 278 7.30 -0.41 -4.90
N GLU A 279 6.21 -0.70 -4.20
CA GLU A 279 4.88 -0.36 -4.68
C GLU A 279 4.68 1.15 -4.81
N ARG A 280 5.17 1.91 -3.84
CA ARG A 280 5.06 3.36 -3.87
C ARG A 280 5.87 3.95 -5.03
N SER A 281 6.93 3.24 -5.42
CA SER A 281 7.83 3.71 -6.48
C SER A 281 7.20 3.50 -7.86
N TRP A 282 6.56 2.36 -8.05
CA TRP A 282 5.79 2.11 -9.27
C TRP A 282 4.70 3.16 -9.36
N ASP A 283 4.03 3.39 -8.23
CA ASP A 283 2.96 4.39 -8.15
C ASP A 283 3.40 5.78 -8.58
N ILE A 284 4.51 6.27 -8.03
CA ILE A 284 4.91 7.65 -8.31
C ILE A 284 5.56 7.82 -9.70
N ASN A 285 6.12 6.75 -10.26
CA ASN A 285 6.76 6.82 -11.58
C ASN A 285 5.71 6.58 -12.66
N LEU A 286 5.05 5.44 -12.58
CA LEU A 286 4.11 4.99 -13.59
C LEU A 286 2.67 5.34 -13.25
N GLY A 287 2.26 5.03 -12.01
CA GLY A 287 0.89 5.23 -11.58
C GLY A 287 0.38 6.66 -11.62
N TRP A 288 1.28 7.63 -11.41
CA TRP A 288 0.97 9.05 -11.40
C TRP A 288 0.12 9.44 -12.63
N PHE A 289 0.53 8.98 -13.81
CA PHE A 289 -0.19 9.27 -15.04
C PHE A 289 -1.03 8.11 -15.61
N LEU A 290 -0.65 6.86 -15.28
CA LEU A 290 -1.39 5.69 -15.77
C LEU A 290 -2.74 5.58 -15.08
N GLU A 291 -2.73 5.69 -13.75
CA GLU A 291 -3.95 5.44 -13.00
C GLU A 291 -5.09 6.44 -13.33
N PRO A 292 -4.77 7.71 -13.50
CA PRO A 292 -5.75 8.66 -14.03
C PRO A 292 -6.37 8.22 -15.36
N VAL A 293 -5.60 7.76 -16.34
CA VAL A 293 -6.21 7.36 -17.62
C VAL A 293 -6.94 6.01 -17.52
N VAL A 294 -6.61 5.17 -16.53
CA VAL A 294 -7.28 3.87 -16.35
C VAL A 294 -8.61 4.02 -15.59
N ARG A 295 -8.59 4.74 -14.47
CA ARG A 295 -9.74 4.79 -13.55
C ARG A 295 -10.24 6.19 -13.20
N GLY A 296 -9.51 7.23 -13.59
CA GLY A 296 -9.95 8.60 -13.40
C GLY A 296 -9.36 9.38 -12.24
N ASP A 297 -8.39 8.80 -11.54
CA ASP A 297 -7.72 9.51 -10.46
C ASP A 297 -6.29 8.99 -10.21
N TYR A 298 -5.53 9.79 -9.46
CA TYR A 298 -4.17 9.44 -9.08
C TYR A 298 -4.15 8.27 -8.13
N PRO A 299 -3.01 7.59 -8.03
CA PRO A 299 -2.86 6.51 -7.04
C PRO A 299 -3.12 7.00 -5.63
N PHE A 300 -3.77 6.17 -4.83
CA PHE A 300 -4.05 6.45 -3.43
C PHE A 300 -2.78 6.87 -2.67
N SER A 301 -1.67 6.18 -2.90
CA SER A 301 -0.43 6.47 -2.16
C SER A 301 0.00 7.92 -2.38
N MET A 302 -0.09 8.36 -3.63
CA MET A 302 0.23 9.75 -3.98
C MET A 302 -0.73 10.79 -3.34
N ARG A 303 -2.02 10.49 -3.34
CA ARG A 303 -2.96 11.37 -2.64
C ARG A 303 -2.68 11.43 -1.13
N SER A 304 -2.28 10.30 -0.54
CA SER A 304 -2.04 10.22 0.89
C SER A 304 -0.75 10.96 1.28
N LEU A 305 0.20 11.03 0.36
CA LEU A 305 1.52 11.55 0.66
C LEU A 305 1.72 12.99 0.16
N ALA A 306 1.24 13.30 -1.04
CA ALA A 306 1.34 14.67 -1.58
C ALA A 306 0.20 15.60 -1.11
N ARG A 307 -0.94 15.00 -0.76
CA ARG A 307 -2.06 15.74 -0.17
C ARG A 307 -2.55 16.93 -1.01
N GLU A 308 -2.64 18.10 -0.39
CA GLU A 308 -3.03 19.35 -1.04
C GLU A 308 -2.15 19.75 -2.23
N ARG A 309 -0.91 19.25 -2.28
CA ARG A 309 -0.04 19.56 -3.43
C ARG A 309 -0.45 18.87 -4.73
N LEU A 310 -1.34 17.88 -4.63
CA LEU A 310 -1.87 17.15 -5.79
C LEU A 310 -3.33 17.55 -6.04
N PRO A 311 -3.62 18.25 -7.13
CA PRO A 311 -4.98 18.77 -7.34
C PRO A 311 -6.04 17.68 -7.54
N PHE A 312 -7.28 18.00 -7.21
CA PHE A 312 -8.43 17.13 -7.42
C PHE A 312 -9.04 17.41 -8.79
N PHE A 313 -9.65 16.38 -9.36
CA PHE A 313 -10.35 16.45 -10.63
C PHE A 313 -11.83 16.68 -10.36
N LYS A 314 -12.48 17.46 -11.21
CA LYS A 314 -13.94 17.52 -11.27
C LYS A 314 -14.48 16.15 -11.70
N ASP A 315 -15.70 15.81 -11.30
CA ASP A 315 -16.31 14.51 -11.67
C ASP A 315 -16.32 14.30 -13.19
N GLU A 316 -16.67 15.36 -13.93
CA GLU A 316 -16.66 15.36 -15.40
C GLU A 316 -15.26 14.99 -15.94
N GLN A 317 -14.22 15.54 -15.30
CA GLN A 317 -12.85 15.31 -15.74
C GLN A 317 -12.44 13.85 -15.49
N LYS A 318 -12.85 13.30 -14.35
CA LYS A 318 -12.62 11.90 -14.04
C LYS A 318 -13.28 10.99 -15.07
N GLU A 319 -14.49 11.33 -15.49
CA GLU A 319 -15.19 10.51 -16.48
C GLU A 319 -14.52 10.57 -17.86
N LYS A 320 -14.03 11.74 -18.27
CA LYS A 320 -13.29 11.88 -19.52
C LYS A 320 -11.96 11.13 -19.48
N LEU A 321 -11.31 11.15 -18.32
CA LEU A 321 -10.01 10.50 -18.14
C LEU A 321 -10.10 8.97 -18.17
N ALA A 322 -11.08 8.39 -17.49
CA ALA A 322 -11.15 6.95 -17.32
C ALA A 322 -11.39 6.24 -18.64
N GLY A 323 -10.47 5.37 -19.04
CA GLY A 323 -10.55 4.68 -20.32
C GLY A 323 -10.19 5.52 -21.54
N SER A 324 -9.42 6.58 -21.35
CA SER A 324 -9.06 7.51 -22.43
C SER A 324 -7.85 7.05 -23.28
N TYR A 325 -7.88 5.80 -23.72
CA TYR A 325 -6.83 5.19 -24.55
C TYR A 325 -7.33 3.90 -25.21
N ASN A 326 -6.76 3.57 -26.38
CA ASN A 326 -6.95 2.27 -27.07
C ASN A 326 -5.65 1.45 -27.03
N MET A 327 -4.57 2.10 -26.59
CA MET A 327 -3.24 1.51 -26.51
C MET A 327 -2.39 2.43 -25.64
N LEU A 328 -1.25 1.91 -25.17
CA LEU A 328 -0.35 2.65 -24.31
C LEU A 328 1.09 2.32 -24.66
N GLY A 329 1.93 3.36 -24.64
CA GLY A 329 3.35 3.23 -24.89
C GLY A 329 4.12 3.17 -23.59
N LEU A 330 5.16 2.35 -23.57
CA LEU A 330 6.05 2.26 -22.44
C LEU A 330 7.47 2.52 -22.95
N ASN A 331 8.11 3.50 -22.35
CA ASN A 331 9.49 3.83 -22.65
C ASN A 331 10.38 3.26 -21.54
N TYR A 332 10.94 2.09 -21.81
CA TYR A 332 11.68 1.31 -20.84
C TYR A 332 13.13 1.18 -21.23
N TYR A 333 14.00 1.46 -20.25
CA TYR A 333 15.45 1.41 -20.44
C TYR A 333 16.19 0.68 -19.31
N THR A 334 15.69 0.78 -18.08
CA THR A 334 16.40 0.29 -16.90
C THR A 334 15.49 0.12 -15.67
N SER A 335 16.09 -0.29 -14.55
CA SER A 335 15.40 -0.55 -13.29
C SER A 335 16.26 -0.13 -12.07
N ARG A 336 15.63 -0.04 -10.92
CA ARG A 336 16.29 0.27 -9.65
C ARG A 336 15.77 -0.64 -8.56
N PHE A 337 16.55 -0.77 -7.49
CA PHE A 337 16.11 -1.33 -6.23
C PHE A 337 15.40 -0.23 -5.43
N SER A 338 14.22 -0.51 -4.88
CA SER A 338 13.51 0.48 -4.07
C SER A 338 13.65 0.13 -2.60
N LYS A 339 14.18 1.05 -1.82
CA LYS A 339 14.46 0.83 -0.40
C LYS A 339 13.64 1.82 0.45
N ASN A 340 12.97 1.28 1.47
CA ASN A 340 12.10 2.04 2.37
C ASN A 340 12.75 3.24 3.04
N ILE A 341 11.95 4.31 3.18
CA ILE A 341 12.25 5.44 4.05
C ILE A 341 11.01 5.67 4.90
N ASP A 342 11.16 5.65 6.22
CA ASP A 342 10.02 5.86 7.12
C ASP A 342 9.65 7.33 7.15
N ILE A 343 8.36 7.58 7.36
CA ILE A 343 7.89 8.91 7.70
C ILE A 343 8.43 9.24 9.09
N SER A 344 8.92 10.46 9.25
CA SER A 344 9.61 10.85 10.46
C SER A 344 9.69 12.37 10.57
N PRO A 345 9.88 12.90 11.79
CA PRO A 345 10.12 14.33 11.94
C PRO A 345 11.49 14.75 11.39
N ASN A 346 12.45 13.81 11.26
CA ASN A 346 13.80 14.09 10.70
C ASN A 346 13.91 13.85 9.16
N TYR A 347 12.80 13.95 8.43
CA TYR A 347 12.79 13.84 6.97
C TYR A 347 11.61 14.64 6.41
N SER A 348 11.89 15.58 5.49
CA SER A 348 10.85 16.18 4.64
C SER A 348 11.27 16.07 3.16
N PRO A 349 10.35 15.72 2.27
CA PRO A 349 10.64 15.74 0.83
C PRO A 349 11.11 17.10 0.35
N VAL A 350 12.05 17.10 -0.59
CA VAL A 350 12.52 18.31 -1.26
C VAL A 350 12.05 18.35 -2.73
N LEU A 351 12.16 17.23 -3.42
CA LEU A 351 11.68 17.06 -4.80
C LEU A 351 10.38 16.28 -4.78
N ASN A 352 9.51 16.55 -5.75
CA ASN A 352 8.26 15.80 -5.89
C ASN A 352 8.45 14.28 -5.81
N THR A 353 9.54 13.77 -6.39
CA THR A 353 9.79 12.31 -6.38
C THR A 353 10.16 11.74 -5.00
N ASP A 354 10.59 12.60 -4.08
CA ASP A 354 10.75 12.22 -2.67
C ASP A 354 9.43 11.87 -1.96
N ASP A 355 8.28 12.22 -2.55
CA ASP A 355 6.99 11.86 -1.98
C ASP A 355 6.73 10.35 -1.91
N ALA A 356 7.56 9.55 -2.58
CA ALA A 356 7.41 8.08 -2.55
C ALA A 356 8.05 7.44 -1.32
N TYR A 357 8.83 8.20 -0.56
CA TYR A 357 9.43 7.67 0.64
C TYR A 357 10.18 6.37 0.34
N ALA A 358 10.99 6.41 -0.71
CA ALA A 358 11.82 5.30 -1.14
C ALA A 358 13.03 5.81 -1.87
N SER A 359 14.20 5.32 -1.50
CA SER A 359 15.42 5.63 -2.25
C SER A 359 15.55 4.62 -3.38
N GLN A 360 16.01 5.09 -4.53
CA GLN A 360 16.11 4.26 -5.71
C GLN A 360 17.59 3.98 -5.93
N GLU A 361 18.00 2.73 -5.73
CA GLU A 361 19.41 2.36 -5.68
C GLU A 361 19.78 1.59 -6.93
N VAL A 362 20.94 1.91 -7.50
CA VAL A 362 21.51 1.11 -8.58
C VAL A 362 22.06 -0.20 -8.00
N ASN A 363 22.74 -0.12 -6.85
CA ASN A 363 23.35 -1.29 -6.21
C ASN A 363 22.47 -1.91 -5.13
N GLY A 364 22.36 -3.24 -5.15
CA GLY A 364 21.64 -3.99 -4.14
C GLY A 364 22.43 -4.07 -2.85
N PRO A 365 21.93 -4.81 -1.86
CA PRO A 365 22.63 -4.98 -0.59
C PRO A 365 23.98 -5.73 -0.70
N ASP A 366 24.20 -6.49 -1.78
CA ASP A 366 25.51 -7.12 -2.05
C ASP A 366 26.54 -6.19 -2.72
N GLY A 367 26.20 -4.91 -2.88
CA GLY A 367 27.10 -3.93 -3.47
C GLY A 367 27.25 -3.96 -4.98
N LYS A 368 26.58 -4.90 -5.63
CA LYS A 368 26.66 -5.09 -7.08
C LYS A 368 25.50 -4.35 -7.76
N PRO A 369 25.71 -3.83 -8.97
CA PRO A 369 24.64 -3.11 -9.70
C PRO A 369 23.49 -4.02 -10.14
N ILE A 370 22.29 -3.46 -10.31
CA ILE A 370 21.11 -4.24 -10.66
C ILE A 370 21.34 -5.00 -11.95
N GLY A 371 22.09 -4.38 -12.85
CA GLY A 371 22.58 -5.03 -14.05
C GLY A 371 23.76 -4.25 -14.59
N PRO A 372 24.43 -4.79 -15.60
CA PRO A 372 25.66 -4.17 -16.14
C PRO A 372 25.45 -2.74 -16.67
N PRO A 373 26.36 -1.81 -16.40
CA PRO A 373 26.24 -0.44 -16.92
C PRO A 373 26.36 -0.40 -18.45
N MET A 374 25.49 0.38 -19.10
CA MET A 374 25.50 0.53 -20.55
C MET A 374 26.33 1.73 -21.03
N GLY A 375 26.89 2.51 -20.11
CA GLY A 375 27.86 3.53 -20.47
C GLY A 375 27.59 4.94 -19.99
N ASN A 376 26.33 5.37 -20.07
CA ASN A 376 25.93 6.71 -19.66
C ASN A 376 25.62 6.75 -18.14
N PRO A 377 25.23 7.89 -17.59
CA PRO A 377 25.02 7.98 -16.14
C PRO A 377 23.89 7.13 -15.53
N TRP A 378 22.88 6.71 -16.31
CA TRP A 378 21.67 6.11 -15.69
C TRP A 378 21.22 4.75 -16.21
N ILE A 379 21.77 4.27 -17.31
CA ILE A 379 21.25 3.03 -17.90
C ILE A 379 22.03 1.80 -17.49
N TYR A 380 21.37 0.97 -16.68
CA TYR A 380 21.85 -0.35 -16.32
C TYR A 380 20.92 -1.41 -16.91
N MET A 381 21.50 -2.38 -17.63
CA MET A 381 20.74 -3.39 -18.35
C MET A 381 20.05 -4.40 -17.42
N TYR A 382 18.73 -4.39 -17.44
CA TYR A 382 17.94 -5.30 -16.62
C TYR A 382 16.63 -5.62 -17.36
N PRO A 383 16.71 -6.44 -18.41
CA PRO A 383 15.52 -6.81 -19.18
C PRO A 383 14.41 -7.50 -18.36
N GLU A 384 14.76 -8.16 -17.27
CA GLU A 384 13.78 -8.74 -16.35
C GLU A 384 12.76 -7.70 -15.89
N GLY A 385 13.21 -6.47 -15.69
CA GLY A 385 12.36 -5.36 -15.28
C GLY A 385 11.27 -5.04 -16.29
N LEU A 386 11.55 -5.23 -17.58
CA LEU A 386 10.55 -5.06 -18.65
C LEU A 386 9.45 -6.10 -18.51
N LYS A 387 9.86 -7.35 -18.30
CA LYS A 387 8.90 -8.43 -18.07
C LYS A 387 8.04 -8.13 -16.86
N ASP A 388 8.65 -7.69 -15.75
CA ASP A 388 7.93 -7.33 -14.54
C ASP A 388 6.87 -6.27 -14.84
N LEU A 389 7.29 -5.25 -15.59
CA LEU A 389 6.41 -4.15 -15.96
C LEU A 389 5.23 -4.66 -16.79
N LEU A 390 5.50 -5.53 -17.76
CA LEU A 390 4.47 -6.08 -18.63
C LEU A 390 3.49 -7.00 -17.87
N MET A 391 3.97 -7.67 -16.82
CA MET A 391 3.10 -8.49 -15.98
C MET A 391 2.19 -7.59 -15.13
N ILE A 392 2.69 -6.42 -14.71
CA ILE A 392 1.86 -5.49 -13.95
C ILE A 392 0.75 -4.97 -14.86
N MET A 393 1.10 -4.58 -16.08
CA MET A 393 0.12 -4.09 -17.04
C MET A 393 -0.95 -5.16 -17.32
N LYS A 394 -0.51 -6.41 -17.45
CA LYS A 394 -1.37 -7.56 -17.72
C LYS A 394 -2.33 -7.85 -16.56
N ASN A 395 -1.78 -7.93 -15.34
CA ASN A 395 -2.52 -8.42 -14.18
C ASN A 395 -3.26 -7.37 -13.35
N LYS A 396 -2.76 -6.14 -13.35
CA LYS A 396 -3.34 -5.08 -12.52
C LYS A 396 -4.15 -4.08 -13.31
N TYR A 397 -3.74 -3.78 -14.53
CA TYR A 397 -4.27 -2.65 -15.25
C TYR A 397 -5.03 -3.00 -16.55
N GLY A 398 -5.55 -4.22 -16.63
CA GLY A 398 -6.45 -4.62 -17.68
C GLY A 398 -5.88 -5.23 -18.95
N ASN A 399 -4.57 -5.43 -18.99
CA ASN A 399 -3.88 -5.97 -20.17
C ASN A 399 -4.25 -5.27 -21.49
N PRO A 400 -4.10 -3.95 -21.55
CA PRO A 400 -4.37 -3.20 -22.78
C PRO A 400 -3.25 -3.42 -23.80
N PRO A 401 -3.50 -3.12 -25.06
CA PRO A 401 -2.44 -3.15 -26.07
C PRO A 401 -1.27 -2.24 -25.68
N ILE A 402 -0.05 -2.79 -25.70
CA ILE A 402 1.16 -2.08 -25.32
C ILE A 402 2.18 -2.04 -26.47
N TYR A 403 2.79 -0.89 -26.67
CA TYR A 403 3.96 -0.78 -27.54
C TYR A 403 5.13 -0.34 -26.69
N ILE A 404 6.27 -1.01 -26.82
CA ILE A 404 7.48 -0.47 -26.24
C ILE A 404 7.88 0.63 -27.20
N THR A 405 7.53 1.85 -26.87
CA THR A 405 7.74 2.99 -27.76
C THR A 405 9.15 3.57 -27.71
N GLU A 406 9.95 3.15 -26.73
CA GLU A 406 11.38 3.44 -26.69
C GLU A 406 12.14 2.35 -25.92
N ASN A 407 13.27 1.96 -26.47
CA ASN A 407 14.22 1.10 -25.79
C ASN A 407 15.58 1.27 -26.51
N GLY A 408 16.64 1.52 -25.74
CA GLY A 408 17.95 1.78 -26.32
C GLY A 408 19.02 2.12 -25.28
N ILE A 409 20.23 2.42 -25.76
CA ILE A 409 21.30 2.90 -24.90
C ILE A 409 21.99 4.11 -25.52
N GLY A 410 22.68 4.89 -24.68
CA GLY A 410 23.43 6.05 -25.13
C GLY A 410 24.94 5.85 -25.01
N ASP A 411 25.63 5.86 -26.16
CA ASP A 411 27.10 5.80 -26.20
C ASP A 411 27.71 7.17 -25.92
N VAL A 412 28.55 7.26 -24.90
CA VAL A 412 29.21 8.49 -24.51
C VAL A 412 30.27 8.88 -25.54
N ASP A 413 30.27 10.16 -25.91
CA ASP A 413 31.12 10.71 -26.96
C ASP A 413 31.33 12.18 -26.62
N THR A 414 32.52 12.49 -26.11
CA THR A 414 32.78 13.83 -25.58
C THR A 414 34.14 14.39 -26.07
N LYS A 415 34.30 15.70 -25.95
CA LYS A 415 35.55 16.38 -26.32
C LYS A 415 36.76 15.85 -25.53
N GLU A 416 36.56 15.46 -24.27
CA GLU A 416 37.62 14.94 -23.41
C GLU A 416 37.92 13.46 -23.69
N THR A 417 36.92 12.74 -24.19
CA THR A 417 37.01 11.31 -24.47
C THR A 417 36.19 11.00 -25.72
N PRO A 418 36.70 11.39 -26.89
CA PRO A 418 35.94 11.18 -28.14
C PRO A 418 35.71 9.70 -28.41
N LEU A 419 34.61 9.41 -29.07
CA LEU A 419 34.30 8.05 -29.50
C LEU A 419 34.74 7.97 -30.95
N PRO A 420 35.74 7.14 -31.27
CA PRO A 420 36.15 6.96 -32.66
C PRO A 420 34.97 6.45 -33.49
N MET A 421 34.80 6.97 -34.70
CA MET A 421 33.67 6.59 -35.54
C MET A 421 33.52 5.07 -35.69
N GLU A 422 34.66 4.35 -35.77
CA GLU A 422 34.65 2.90 -35.96
C GLU A 422 34.05 2.16 -34.76
N ALA A 423 34.45 2.58 -33.55
CA ALA A 423 33.90 2.04 -32.31
C ALA A 423 32.41 2.38 -32.15
N ALA A 424 32.04 3.57 -32.61
CA ALA A 424 30.64 4.02 -32.61
C ALA A 424 29.76 3.16 -33.51
N LEU A 425 30.30 2.72 -34.66
CA LEU A 425 29.56 1.88 -35.60
C LEU A 425 29.56 0.41 -35.19
N ASN A 426 30.58 -0.03 -34.46
CA ASN A 426 30.65 -1.40 -33.96
C ASN A 426 30.00 -1.43 -32.57
N ASP A 427 28.70 -1.16 -32.54
CA ASP A 427 27.94 -0.97 -31.30
C ASP A 427 27.35 -2.29 -30.81
N TYR A 428 28.25 -3.21 -30.46
CA TYR A 428 27.87 -4.54 -30.00
C TYR A 428 27.19 -4.51 -28.62
N LYS A 429 27.51 -3.50 -27.82
CA LYS A 429 26.89 -3.33 -26.53
C LYS A 429 25.39 -2.98 -26.72
N ARG A 430 25.10 -2.05 -27.62
CA ARG A 430 23.73 -1.70 -27.99
C ARG A 430 22.97 -2.89 -28.58
N LEU A 431 23.61 -3.62 -29.47
CA LEU A 431 22.98 -4.74 -30.16
C LEU A 431 22.61 -5.84 -29.16
N ASP A 432 23.52 -6.15 -28.26
CA ASP A 432 23.27 -7.14 -27.24
C ASP A 432 22.06 -6.72 -26.36
N TYR A 433 22.03 -5.46 -25.95
CA TYR A 433 20.92 -4.89 -25.18
C TYR A 433 19.59 -4.98 -25.92
N ILE A 434 19.56 -4.54 -27.19
CA ILE A 434 18.35 -4.64 -28.00
C ILE A 434 17.89 -6.10 -28.16
N GLN A 435 18.85 -7.01 -28.41
CA GLN A 435 18.52 -8.43 -28.61
C GLN A 435 17.90 -9.03 -27.34
N ARG A 436 18.44 -8.69 -26.19
CA ARG A 436 17.98 -9.24 -24.91
C ARG A 436 16.57 -8.75 -24.55
N HIS A 437 16.24 -7.50 -24.89
CA HIS A 437 14.93 -6.94 -24.60
C HIS A 437 13.86 -7.45 -25.57
N ILE A 438 14.22 -7.65 -26.84
CA ILE A 438 13.31 -8.28 -27.82
C ILE A 438 13.03 -9.73 -27.38
N ALA A 439 14.07 -10.43 -26.91
CA ALA A 439 13.90 -11.77 -26.33
C ALA A 439 12.95 -11.75 -25.14
N THR A 440 13.06 -10.74 -24.30
CA THR A 440 12.15 -10.58 -23.17
C THR A 440 10.70 -10.39 -23.62
N LEU A 441 10.48 -9.71 -24.75
CA LEU A 441 9.13 -9.49 -25.26
C LEU A 441 8.48 -10.81 -25.72
N LYS A 442 9.24 -11.63 -26.42
CA LYS A 442 8.81 -12.98 -26.76
C LYS A 442 8.34 -13.72 -25.52
N GLU A 443 9.18 -13.73 -24.49
CA GLU A 443 8.86 -14.43 -23.24
C GLU A 443 7.61 -13.84 -22.61
N SER A 444 7.45 -12.52 -22.69
CA SER A 444 6.31 -11.83 -22.09
C SER A 444 5.02 -12.15 -22.79
N ILE A 445 5.07 -12.24 -24.12
CA ILE A 445 3.90 -12.58 -24.93
C ILE A 445 3.37 -13.98 -24.60
N ASP A 446 4.28 -14.95 -24.51
CA ASP A 446 3.89 -16.31 -24.12
C ASP A 446 3.27 -16.33 -22.73
N LEU A 447 3.75 -15.46 -21.84
CA LEU A 447 3.15 -15.30 -20.51
C LEU A 447 1.82 -14.51 -20.51
N GLY A 448 1.32 -14.13 -21.68
CA GLY A 448 0.02 -13.49 -21.82
C GLY A 448 -0.04 -11.96 -21.94
N SER A 449 1.11 -11.30 -22.02
CA SER A 449 1.16 -9.85 -22.24
C SER A 449 0.53 -9.45 -23.57
N ASN A 450 -0.26 -8.37 -23.56
CA ASN A 450 -0.87 -7.83 -24.77
C ASN A 450 0.07 -6.81 -25.46
N VAL A 451 1.36 -7.06 -25.41
CA VAL A 451 2.34 -6.21 -26.11
C VAL A 451 2.33 -6.53 -27.60
N GLN A 452 2.42 -5.50 -28.41
CA GLN A 452 2.15 -5.60 -29.85
C GLN A 452 3.23 -5.00 -30.73
N GLY A 453 4.23 -4.39 -30.12
CA GLY A 453 5.30 -3.80 -30.88
C GLY A 453 6.45 -3.26 -30.07
N TYR A 454 7.50 -2.89 -30.77
CA TYR A 454 8.76 -2.47 -30.19
C TYR A 454 9.40 -1.44 -31.11
N PHE A 455 9.80 -0.31 -30.53
CA PHE A 455 10.47 0.78 -31.25
C PHE A 455 11.82 1.03 -30.60
N ALA A 456 12.90 0.89 -31.36
CA ALA A 456 14.23 1.21 -30.87
C ALA A 456 14.35 2.71 -30.68
N TRP A 457 14.76 3.16 -29.51
CA TRP A 457 14.92 4.59 -29.33
C TRP A 457 16.20 4.96 -30.01
N SER A 458 15.92 5.73 -31.06
CA SER A 458 16.77 6.55 -31.83
C SER A 458 17.09 5.82 -33.11
N LEU A 459 16.27 6.13 -34.10
CA LEU A 459 16.65 5.95 -35.48
C LEU A 459 18.02 6.61 -35.64
N LEU A 460 18.16 7.82 -35.09
CA LEU A 460 19.29 8.69 -35.37
C LEU A 460 20.00 9.16 -34.11
N ASP A 461 21.32 9.25 -34.17
CA ASP A 461 22.05 10.03 -33.18
C ASP A 461 21.45 11.45 -33.20
N ASN A 462 21.16 11.98 -32.03
CA ASN A 462 20.43 13.23 -31.94
C ASN A 462 20.78 14.03 -30.69
N PHE A 463 20.11 15.17 -30.52
CA PHE A 463 20.33 16.05 -29.38
C PHE A 463 19.66 15.46 -28.14
N GLU A 464 20.47 15.03 -27.18
CA GLU A 464 20.00 14.30 -26.00
C GLU A 464 19.77 15.23 -24.81
N TRP A 465 18.90 16.22 -25.03
CA TRP A 465 18.44 17.16 -24.01
C TRP A 465 19.61 17.81 -23.24
N PHE A 466 19.63 17.74 -21.90
CA PHE A 466 20.68 18.45 -21.16
C PHE A 466 22.07 17.87 -21.37
N ALA A 467 22.15 16.65 -21.91
CA ALA A 467 23.43 16.02 -22.26
C ALA A 467 23.97 16.51 -23.62
N GLY A 468 23.17 17.25 -24.37
CA GLY A 468 23.56 17.70 -25.70
C GLY A 468 23.91 16.53 -26.60
N PHE A 469 25.01 16.66 -27.33
CA PHE A 469 25.47 15.61 -28.22
C PHE A 469 26.49 14.67 -27.57
N THR A 470 26.63 14.71 -26.25
CA THR A 470 27.58 13.82 -25.55
C THR A 470 27.11 12.36 -25.47
N GLU A 471 25.88 12.07 -25.92
CA GLU A 471 25.39 10.70 -25.98
C GLU A 471 24.75 10.41 -27.32
N ARG A 472 25.16 9.29 -27.92
CA ARG A 472 24.63 8.84 -29.20
C ARG A 472 23.73 7.64 -28.95
N TYR A 473 22.43 7.79 -29.26
CA TYR A 473 21.44 6.72 -29.05
C TYR A 473 20.98 6.04 -30.35
N GLY A 474 21.45 6.56 -31.49
CA GLY A 474 21.10 6.02 -32.79
C GLY A 474 21.50 4.57 -33.04
N ILE A 475 20.67 3.89 -33.83
CA ILE A 475 21.06 2.69 -34.54
C ILE A 475 21.70 3.12 -35.86
N VAL A 476 21.43 4.37 -36.25
CA VAL A 476 22.12 5.03 -37.35
C VAL A 476 22.98 6.19 -36.82
N TYR A 477 24.26 6.15 -37.16
CA TYR A 477 25.23 7.20 -36.82
C TYR A 477 25.02 8.46 -37.64
N VAL A 478 25.19 9.63 -37.02
CA VAL A 478 25.07 10.91 -37.73
C VAL A 478 26.38 11.69 -37.59
N ASP A 479 27.06 11.92 -38.71
CA ASP A 479 28.32 12.67 -38.73
C ASP A 479 28.00 14.15 -38.95
N ARG A 480 28.02 14.91 -37.86
CA ARG A 480 27.70 16.33 -37.91
C ARG A 480 28.86 17.20 -38.45
N ASN A 481 30.08 16.65 -38.46
CA ASN A 481 31.24 17.35 -39.06
C ASN A 481 31.20 17.29 -40.57
N ASN A 482 30.51 16.29 -41.09
CA ASN A 482 30.22 16.22 -42.50
C ASN A 482 28.92 16.97 -42.67
N ASN A 483 27.97 16.43 -43.40
CA ASN A 483 26.73 17.15 -43.65
C ASN A 483 25.59 16.33 -43.05
N CYS A 484 25.75 15.98 -41.78
CA CYS A 484 24.81 15.09 -41.08
C CYS A 484 24.60 13.78 -41.84
N THR A 485 25.67 13.25 -42.41
CA THR A 485 25.56 12.02 -43.19
C THR A 485 25.29 10.82 -42.29
N ARG A 486 24.38 9.97 -42.75
CA ARG A 486 23.96 8.79 -42.01
C ARG A 486 24.75 7.53 -42.41
N TYR A 487 25.25 6.82 -41.39
CA TYR A 487 25.84 5.48 -41.57
C TYR A 487 25.17 4.49 -40.63
N MET A 488 24.70 3.36 -41.16
CA MET A 488 24.12 2.30 -40.32
C MET A 488 25.14 1.69 -39.39
N LYS A 489 24.79 1.53 -38.12
CA LYS A 489 25.64 0.83 -37.16
C LYS A 489 25.35 -0.66 -37.24
N GLU A 490 26.08 -1.47 -36.49
CA GLU A 490 25.87 -2.91 -36.49
C GLU A 490 24.47 -3.26 -35.95
N SER A 491 23.98 -2.49 -34.98
CA SER A 491 22.62 -2.69 -34.45
C SER A 491 21.62 -2.58 -35.59
N ALA A 492 21.74 -1.52 -36.39
CA ALA A 492 20.84 -1.31 -37.51
C ALA A 492 20.95 -2.44 -38.52
N LYS A 493 22.18 -2.91 -38.75
CA LYS A 493 22.41 -4.02 -39.68
C LYS A 493 21.75 -5.32 -39.21
N TRP A 494 21.85 -5.63 -37.92
CA TRP A 494 21.16 -6.80 -37.39
C TRP A 494 19.64 -6.64 -37.48
N LEU A 495 19.13 -5.45 -37.20
CA LEU A 495 17.67 -5.22 -37.28
C LEU A 495 17.17 -5.43 -38.72
N LYS A 496 17.97 -5.00 -39.69
CA LYS A 496 17.63 -5.18 -41.11
C LYS A 496 17.55 -6.69 -41.42
N GLU A 497 18.50 -7.44 -40.90
CA GLU A 497 18.53 -8.89 -41.09
C GLU A 497 17.31 -9.53 -40.39
N PHE A 498 17.08 -9.14 -39.15
CA PHE A 498 15.96 -9.61 -38.34
C PHE A 498 14.63 -9.43 -39.06
N ASN A 499 14.39 -8.23 -39.58
CA ASN A 499 13.11 -7.85 -40.21
C ASN A 499 12.86 -8.50 -41.58
N THR A 500 13.91 -8.68 -42.37
CA THR A 500 13.81 -9.06 -43.78
C THR A 500 14.23 -10.50 -44.08
N ALA A 501 14.61 -11.26 -43.05
CA ALA A 501 15.10 -12.63 -43.24
C ALA A 501 14.02 -13.54 -43.81
N LYS A 502 12.96 -13.67 -43.22
N MET B 12 -22.78 -29.43 12.17
CA MET B 12 -23.24 -30.07 10.90
C MET B 12 -22.09 -30.57 10.01
N LEU B 13 -20.87 -30.58 10.52
CA LEU B 13 -19.78 -31.29 9.85
C LEU B 13 -20.03 -32.80 9.91
N SER B 14 -19.72 -33.51 8.82
CA SER B 14 -19.82 -34.98 8.80
C SER B 14 -18.80 -35.59 9.77
N PRO B 15 -19.02 -36.84 10.21
CA PRO B 15 -18.14 -37.49 11.20
C PRO B 15 -16.64 -37.49 10.88
N SER B 16 -16.28 -37.62 9.62
CA SER B 16 -14.87 -37.64 9.21
C SER B 16 -14.24 -36.25 9.12
N GLU B 17 -15.07 -35.20 9.18
CA GLU B 17 -14.61 -33.81 9.21
C GLU B 17 -14.51 -33.23 10.63
N ILE B 18 -15.11 -33.89 11.63
CA ILE B 18 -15.02 -33.44 13.02
C ILE B 18 -13.57 -33.56 13.46
N PRO B 19 -13.00 -32.49 14.00
CA PRO B 19 -11.62 -32.56 14.50
C PRO B 19 -11.46 -33.52 15.68
N GLN B 20 -10.34 -34.24 15.68
CA GLN B 20 -9.97 -35.15 16.76
C GLN B 20 -8.69 -34.63 17.41
N ARG B 21 -8.47 -34.95 18.69
CA ARG B 21 -7.30 -34.43 19.41
C ARG B 21 -5.99 -34.89 18.78
N ASP B 22 -5.99 -36.07 18.20
CA ASP B 22 -4.77 -36.63 17.59
C ASP B 22 -4.42 -36.03 16.22
N TRP B 23 -5.27 -35.14 15.71
CA TRP B 23 -4.90 -34.31 14.55
C TRP B 23 -3.78 -33.33 14.90
N PHE B 24 -3.64 -33.01 16.19
CA PHE B 24 -2.72 -31.97 16.64
C PHE B 24 -1.54 -32.57 17.41
N PRO B 25 -0.42 -31.83 17.45
CA PRO B 25 0.75 -32.26 18.24
C PRO B 25 0.41 -32.54 19.70
N SER B 26 1.23 -33.35 20.35
CA SER B 26 1.00 -33.75 21.73
C SER B 26 1.11 -32.55 22.67
N ASP B 27 2.01 -31.61 22.38
CA ASP B 27 2.19 -30.39 23.20
C ASP B 27 1.30 -29.20 22.77
N PHE B 28 0.33 -29.44 21.89
CA PHE B 28 -0.65 -28.44 21.54
C PHE B 28 -1.55 -28.18 22.74
N THR B 29 -2.09 -26.97 22.85
CA THR B 29 -2.81 -26.51 24.03
C THR B 29 -4.26 -26.17 23.68
N PHE B 30 -5.21 -26.77 24.41
CA PHE B 30 -6.62 -26.39 24.34
C PHE B 30 -7.05 -25.87 25.70
N GLY B 31 -7.71 -24.71 25.71
CA GLY B 31 -8.18 -24.12 26.95
C GLY B 31 -9.47 -23.35 26.77
N ALA B 32 -9.88 -22.64 27.82
CA ALA B 32 -10.94 -21.66 27.74
C ALA B 32 -10.45 -20.37 28.39
N ALA B 33 -11.19 -19.29 28.20
CA ALA B 33 -10.75 -17.96 28.59
C ALA B 33 -11.86 -17.15 29.26
N THR B 34 -11.45 -16.28 30.18
CA THR B 34 -12.32 -15.31 30.85
C THR B 34 -11.55 -14.00 31.05
N SER B 35 -12.22 -12.99 31.58
CA SER B 35 -11.57 -11.78 32.07
C SER B 35 -12.18 -11.34 33.40
N ALA B 36 -11.39 -10.59 34.17
CA ALA B 36 -11.66 -10.38 35.59
C ALA B 36 -12.97 -9.62 35.81
N TYR B 37 -13.13 -8.47 35.17
CA TYR B 37 -14.37 -7.72 35.34
C TYR B 37 -15.61 -8.47 34.85
N GLN B 38 -15.43 -9.32 33.85
CA GLN B 38 -16.54 -10.04 33.28
C GLN B 38 -17.06 -11.16 34.18
N ILE B 39 -16.19 -11.82 34.96
CA ILE B 39 -16.66 -12.95 35.76
C ILE B 39 -16.62 -12.81 37.29
N GLU B 40 -15.79 -11.92 37.81
CA GLU B 40 -15.41 -12.02 39.23
C GLU B 40 -16.51 -11.62 40.22
N GLY B 41 -17.19 -10.53 39.94
CA GLY B 41 -18.06 -9.90 40.92
C GLY B 41 -17.21 -9.40 42.08
N ALA B 42 -17.81 -9.40 43.28
CA ALA B 42 -17.11 -8.94 44.47
C ALA B 42 -16.41 -7.60 44.19
N TRP B 43 -17.16 -6.68 43.59
CA TRP B 43 -16.60 -5.45 43.03
C TRP B 43 -16.05 -4.49 44.08
N ASN B 44 -16.52 -4.62 45.32
CA ASN B 44 -16.08 -3.77 46.43
C ASN B 44 -15.78 -4.57 47.70
N GLU B 45 -15.34 -5.82 47.54
CA GLU B 45 -15.07 -6.69 48.68
C GLU B 45 -13.59 -6.86 48.89
N ASP B 46 -13.20 -7.08 50.14
CA ASP B 46 -11.82 -7.40 50.48
C ASP B 46 -10.78 -6.40 49.92
N GLY B 47 -11.09 -5.11 50.04
CA GLY B 47 -10.14 -4.05 49.74
C GLY B 47 -10.04 -3.58 48.29
N LYS B 48 -10.88 -4.13 47.41
CA LYS B 48 -10.79 -3.83 45.98
C LYS B 48 -11.22 -2.40 45.68
N GLY B 49 -10.40 -1.70 44.91
CA GLY B 49 -10.71 -0.35 44.49
C GLY B 49 -11.66 -0.31 43.31
N GLU B 50 -12.27 0.86 43.09
CA GLU B 50 -13.18 1.08 41.98
C GLU B 50 -12.39 1.05 40.67
N SER B 51 -12.98 0.49 39.63
CA SER B 51 -12.39 0.51 38.29
C SER B 51 -13.18 1.45 37.40
N ASN B 52 -12.60 1.77 36.25
CA ASN B 52 -13.28 2.50 35.19
C ASN B 52 -14.64 1.92 34.82
N TRP B 53 -14.75 0.59 34.84
CA TRP B 53 -15.98 -0.09 34.43
C TRP B 53 -17.05 -0.10 35.52
N ASP B 54 -16.63 -0.26 36.78
CA ASP B 54 -17.51 -0.04 37.93
C ASP B 54 -18.14 1.34 37.82
N HIS B 55 -17.30 2.35 37.59
CA HIS B 55 -17.71 3.76 37.53
C HIS B 55 -18.67 4.02 36.37
N PHE B 56 -18.36 3.43 35.22
CA PHE B 56 -19.15 3.64 34.01
C PHE B 56 -20.53 2.99 34.12
N CYS B 57 -20.56 1.75 34.57
CA CYS B 57 -21.83 1.03 34.71
C CYS B 57 -22.72 1.67 35.79
N HIS B 58 -22.12 2.13 36.89
CA HIS B 58 -22.89 2.66 38.02
C HIS B 58 -23.48 4.03 37.72
N ASN B 59 -22.74 4.86 36.98
CA ASN B 59 -23.19 6.22 36.65
C ASN B 59 -23.94 6.32 35.34
N HIS B 60 -23.77 5.33 34.46
CA HIS B 60 -24.38 5.36 33.14
C HIS B 60 -24.97 4.00 32.75
N PRO B 61 -25.99 3.55 33.50
CA PRO B 61 -26.68 2.30 33.17
C PRO B 61 -27.41 2.37 31.84
N GLU B 62 -27.77 3.58 31.40
CA GLU B 62 -28.39 3.79 30.08
C GLU B 62 -27.46 3.43 28.90
N ARG B 63 -26.16 3.35 29.17
CA ARG B 63 -25.17 3.00 28.14
C ARG B 63 -24.83 1.49 28.14
N ILE B 64 -25.53 0.72 28.98
CA ILE B 64 -25.51 -0.73 28.93
C ILE B 64 -26.89 -1.17 28.42
N LEU B 65 -26.93 -2.11 27.49
CA LEU B 65 -28.13 -2.42 26.73
C LEU B 65 -29.28 -2.89 27.62
N ASP B 66 -28.95 -3.60 28.70
CA ASP B 66 -29.96 -4.09 29.66
C ASP B 66 -29.88 -3.42 31.03
N GLY B 67 -29.10 -2.35 31.14
CA GLY B 67 -29.03 -1.56 32.36
C GLY B 67 -28.22 -2.18 33.48
N SER B 68 -27.51 -3.26 33.18
CA SER B 68 -26.88 -4.09 34.19
C SER B 68 -25.44 -3.64 34.46
N ASN B 69 -24.83 -4.27 35.46
CA ASN B 69 -23.41 -4.10 35.78
C ASN B 69 -22.77 -5.47 36.10
N SER B 70 -21.48 -5.49 36.35
CA SER B 70 -20.84 -6.72 36.78
C SER B 70 -20.45 -6.66 38.26
N ASP B 71 -21.38 -6.20 39.10
CA ASP B 71 -21.19 -6.21 40.56
C ASP B 71 -21.05 -7.65 41.05
N ILE B 72 -21.83 -8.55 40.44
CA ILE B 72 -21.74 -9.98 40.72
C ILE B 72 -21.03 -10.75 39.60
N GLY B 73 -21.35 -10.48 38.34
CA GLY B 73 -20.76 -11.19 37.21
C GLY B 73 -21.17 -12.65 37.19
N ALA B 74 -20.19 -13.56 37.12
CA ALA B 74 -20.40 -14.98 37.41
C ALA B 74 -19.96 -15.35 38.85
N ASN B 75 -19.69 -14.35 39.68
CA ASN B 75 -19.29 -14.57 41.09
C ASN B 75 -18.07 -15.49 41.23
N SER B 76 -17.14 -15.36 40.31
CA SER B 76 -15.98 -16.26 40.25
C SER B 76 -14.95 -15.95 41.34
N TYR B 77 -15.02 -14.76 41.91
CA TYR B 77 -14.23 -14.47 43.11
C TYR B 77 -14.53 -15.50 44.21
N HIS B 78 -15.81 -15.77 44.44
CA HIS B 78 -16.25 -16.73 45.46
C HIS B 78 -16.36 -18.17 44.94
N MET B 79 -16.50 -18.32 43.62
CA MET B 79 -16.79 -19.63 43.02
C MET B 79 -15.66 -20.15 42.14
N TYR B 80 -14.46 -19.59 42.29
CA TYR B 80 -13.32 -19.97 41.47
C TYR B 80 -13.00 -21.47 41.50
N LYS B 81 -13.23 -22.11 42.65
CA LYS B 81 -12.98 -23.56 42.79
C LYS B 81 -13.82 -24.38 41.81
N THR B 82 -15.08 -24.02 41.62
CA THR B 82 -15.90 -24.73 40.66
C THR B 82 -15.48 -24.44 39.20
N ASP B 83 -14.96 -23.24 38.94
CA ASP B 83 -14.37 -22.94 37.63
C ASP B 83 -13.25 -23.94 37.30
N VAL B 84 -12.39 -24.20 38.29
CA VAL B 84 -11.27 -25.11 38.08
C VAL B 84 -11.77 -26.53 37.87
N ARG B 85 -12.82 -26.93 38.61
CA ARG B 85 -13.40 -28.26 38.49
C ARG B 85 -13.96 -28.48 37.07
N LEU B 86 -14.61 -27.46 36.53
CA LEU B 86 -15.14 -27.48 35.17
C LEU B 86 -13.99 -27.69 34.15
N LEU B 87 -12.94 -26.89 34.27
CA LEU B 87 -11.80 -26.98 33.39
C LEU B 87 -11.20 -28.38 33.40
N LYS B 88 -11.00 -28.90 34.62
CA LYS B 88 -10.44 -30.23 34.83
C LYS B 88 -11.33 -31.33 34.26
N GLU B 89 -12.63 -31.22 34.48
CA GLU B 89 -13.60 -32.20 33.96
C GLU B 89 -13.62 -32.24 32.44
N MET B 90 -13.36 -31.09 31.81
CA MET B 90 -13.30 -31.01 30.36
C MET B 90 -11.95 -31.43 29.79
N GLY B 91 -10.95 -31.65 30.65
CA GLY B 91 -9.63 -32.03 30.21
C GLY B 91 -8.86 -30.92 29.49
N MET B 92 -9.14 -29.67 29.84
CA MET B 92 -8.44 -28.51 29.29
C MET B 92 -6.98 -28.49 29.73
N ASP B 93 -6.10 -28.18 28.80
CA ASP B 93 -4.67 -28.04 29.06
C ASP B 93 -4.34 -26.73 29.76
N ALA B 94 -5.21 -25.72 29.59
CA ALA B 94 -4.91 -24.39 30.10
C ALA B 94 -6.13 -23.52 30.33
N TYR B 95 -5.93 -22.46 31.08
CA TYR B 95 -6.96 -21.48 31.38
C TYR B 95 -6.40 -20.06 31.27
N ARG B 96 -7.02 -19.27 30.40
CA ARG B 96 -6.67 -17.88 30.22
C ARG B 96 -7.64 -17.07 31.08
N PHE B 97 -7.10 -16.33 32.06
CA PHE B 97 -7.89 -15.41 32.86
C PHE B 97 -7.08 -14.12 33.02
N SER B 98 -7.71 -13.06 33.52
CA SER B 98 -7.00 -11.82 33.78
C SER B 98 -6.98 -11.43 35.25
N ILE B 99 -6.03 -10.56 35.60
CA ILE B 99 -5.91 -10.00 36.95
C ILE B 99 -6.49 -8.61 36.98
N SER B 100 -7.31 -8.34 37.99
CA SER B 100 -7.89 -7.02 38.21
C SER B 100 -6.87 -6.09 38.85
N TRP B 101 -6.43 -5.11 38.08
CA TRP B 101 -5.47 -4.11 38.53
C TRP B 101 -5.92 -3.45 39.85
N PRO B 102 -7.16 -2.94 39.94
CA PRO B 102 -7.65 -2.35 41.20
C PRO B 102 -7.87 -3.35 42.35
N ARG B 103 -8.04 -4.63 42.07
CA ARG B 103 -8.13 -5.61 43.15
C ARG B 103 -6.76 -5.81 43.81
N ILE B 104 -5.70 -5.66 43.02
CA ILE B 104 -4.31 -5.77 43.49
C ILE B 104 -3.75 -4.46 44.04
N LEU B 105 -4.16 -3.35 43.42
CA LEU B 105 -3.62 -2.04 43.74
C LEU B 105 -4.80 -1.10 43.73
N PRO B 106 -5.52 -1.02 44.84
CA PRO B 106 -6.79 -0.29 44.90
C PRO B 106 -6.72 1.19 44.50
N LYS B 107 -5.58 1.83 44.68
CA LYS B 107 -5.40 3.20 44.20
C LYS B 107 -4.57 3.26 42.90
N GLY B 108 -4.09 2.11 42.45
CA GLY B 108 -3.44 1.99 41.15
C GLY B 108 -1.94 2.19 41.21
N THR B 109 -1.45 2.69 42.35
CA THR B 109 -0.05 3.10 42.47
C THR B 109 0.68 2.29 43.52
N LYS B 110 2.01 2.39 43.47
CA LYS B 110 2.88 1.86 44.51
C LYS B 110 2.56 2.52 45.85
N GLU B 111 2.37 3.83 45.82
CA GLU B 111 2.11 4.61 47.03
C GLU B 111 0.84 4.14 47.73
N GLY B 112 -0.15 3.76 46.92
CA GLY B 112 -1.45 3.40 47.44
C GLY B 112 -1.49 2.06 48.14
N GLY B 113 -0.55 1.18 47.83
CA GLY B 113 -0.40 -0.09 48.50
C GLY B 113 -0.96 -1.30 47.76
N ILE B 114 -0.32 -2.44 47.99
CA ILE B 114 -0.77 -3.73 47.50
C ILE B 114 -1.86 -4.28 48.44
N ASN B 115 -2.92 -4.82 47.86
CA ASN B 115 -4.01 -5.43 48.63
C ASN B 115 -3.75 -6.92 48.79
N PRO B 116 -3.43 -7.38 50.00
CA PRO B 116 -3.04 -8.78 50.20
C PRO B 116 -4.17 -9.78 49.90
N ASP B 117 -5.43 -9.41 50.09
CA ASP B 117 -6.53 -10.30 49.73
C ASP B 117 -6.64 -10.47 48.21
N GLY B 118 -6.34 -9.41 47.46
CA GLY B 118 -6.28 -9.48 46.01
C GLY B 118 -5.24 -10.49 45.58
N ILE B 119 -4.06 -10.39 46.17
CA ILE B 119 -2.94 -11.26 45.87
C ILE B 119 -3.25 -12.71 46.23
N LYS B 120 -3.90 -12.93 47.37
CA LYS B 120 -4.21 -14.29 47.85
C LYS B 120 -5.21 -14.97 46.91
N TYR B 121 -6.16 -14.20 46.41
CA TYR B 121 -7.18 -14.73 45.50
C TYR B 121 -6.52 -15.36 44.27
N TYR B 122 -5.68 -14.59 43.58
CA TYR B 122 -5.04 -15.08 42.35
C TYR B 122 -4.00 -16.15 42.65
N ARG B 123 -3.40 -16.07 43.84
CA ARG B 123 -2.41 -17.07 44.26
C ARG B 123 -3.09 -18.41 44.44
N ASN B 124 -4.22 -18.42 45.13
CA ASN B 124 -5.00 -19.64 45.34
C ASN B 124 -5.57 -20.21 44.04
N LEU B 125 -6.03 -19.33 43.15
CA LEU B 125 -6.51 -19.77 41.84
C LEU B 125 -5.39 -20.45 41.05
N ILE B 126 -4.22 -19.81 41.01
CA ILE B 126 -3.10 -20.31 40.23
C ILE B 126 -2.62 -21.66 40.75
N ASN B 127 -2.48 -21.78 42.07
CA ASN B 127 -1.98 -23.02 42.67
C ASN B 127 -2.96 -24.16 42.41
N LEU B 128 -4.24 -23.87 42.56
CA LEU B 128 -5.28 -24.86 42.31
C LEU B 128 -5.29 -25.34 40.86
N LEU B 129 -5.12 -24.41 39.92
CA LEU B 129 -5.00 -24.80 38.50
C LEU B 129 -3.81 -25.73 38.31
N LEU B 130 -2.67 -25.37 38.89
CA LEU B 130 -1.46 -26.17 38.73
C LEU B 130 -1.54 -27.55 39.40
N GLU B 131 -2.19 -27.63 40.55
CA GLU B 131 -2.32 -28.94 41.24
C GLU B 131 -3.30 -29.84 40.48
N ASN B 132 -4.12 -29.24 39.61
CA ASN B 132 -5.00 -29.97 38.70
C ASN B 132 -4.43 -30.17 37.28
N GLY B 133 -3.15 -29.84 37.07
CA GLY B 133 -2.49 -30.06 35.80
C GLY B 133 -2.86 -29.07 34.67
N ILE B 134 -3.37 -27.90 35.05
CA ILE B 134 -3.85 -26.89 34.11
C ILE B 134 -2.92 -25.68 34.11
N GLU B 135 -2.40 -25.33 32.93
CA GLU B 135 -1.46 -24.22 32.78
C GLU B 135 -2.17 -22.85 32.74
N PRO B 136 -1.80 -21.95 33.65
CA PRO B 136 -2.34 -20.59 33.63
C PRO B 136 -1.69 -19.70 32.54
N TYR B 137 -2.53 -19.10 31.71
CA TYR B 137 -2.12 -18.06 30.75
C TYR B 137 -2.74 -16.77 31.25
N VAL B 138 -1.91 -15.87 31.76
CA VAL B 138 -2.43 -14.77 32.56
C VAL B 138 -2.35 -13.46 31.82
N THR B 139 -3.51 -12.83 31.61
CA THR B 139 -3.58 -11.50 31.06
C THR B 139 -3.45 -10.48 32.18
N ILE B 140 -2.46 -9.61 32.09
CA ILE B 140 -2.26 -8.57 33.10
C ILE B 140 -3.38 -7.52 33.03
N PHE B 141 -3.68 -7.02 31.82
CA PHE B 141 -4.67 -5.96 31.64
C PHE B 141 -5.72 -6.33 30.60
N HIS B 142 -6.97 -6.41 31.05
CA HIS B 142 -8.13 -6.69 30.22
C HIS B 142 -9.16 -5.61 30.53
N TRP B 143 -8.72 -4.36 30.37
CA TRP B 143 -9.56 -3.15 30.25
C TRP B 143 -9.99 -2.47 31.55
N ASP B 144 -9.67 -3.08 32.68
CA ASP B 144 -10.14 -2.60 33.98
C ASP B 144 -9.08 -1.71 34.66
N VAL B 145 -9.09 -0.43 34.30
CA VAL B 145 -8.17 0.56 34.86
C VAL B 145 -8.72 1.02 36.23
N PRO B 146 -7.88 1.12 37.25
CA PRO B 146 -8.29 1.73 38.51
C PRO B 146 -8.87 3.13 38.30
N GLN B 147 -10.06 3.38 38.81
CA GLN B 147 -10.67 4.70 38.69
C GLN B 147 -9.81 5.80 39.32
N ALA B 148 -8.99 5.46 40.30
CA ALA B 148 -8.10 6.46 40.91
C ALA B 148 -7.22 7.09 39.84
N LEU B 149 -6.65 6.24 38.96
CA LEU B 149 -5.78 6.72 37.88
C LEU B 149 -6.55 7.48 36.80
N GLU B 150 -7.79 7.07 36.57
CA GLU B 150 -8.65 7.77 35.62
C GLU B 150 -8.92 9.21 36.07
N GLU B 151 -9.02 9.40 37.38
CA GLU B 151 -9.31 10.73 37.94
C GLU B 151 -8.01 11.53 38.03
N LYS B 152 -6.88 10.87 38.29
CA LYS B 152 -5.63 11.60 38.49
C LYS B 152 -5.09 12.16 37.19
N TYR B 153 -5.09 11.34 36.14
CA TYR B 153 -4.54 11.77 34.84
C TYR B 153 -5.21 11.16 33.60
N GLY B 154 -6.41 10.58 33.77
CA GLY B 154 -7.14 10.00 32.66
C GLY B 154 -6.65 8.61 32.23
N GLY B 155 -5.84 7.96 33.05
CA GLY B 155 -5.35 6.63 32.76
C GLY B 155 -4.51 6.60 31.49
N PHE B 156 -4.90 5.76 30.53
CA PHE B 156 -4.14 5.65 29.28
C PHE B 156 -4.26 6.88 28.37
N LEU B 157 -5.10 7.84 28.73
CA LEU B 157 -5.13 9.15 28.04
C LEU B 157 -3.98 10.07 28.46
N ASP B 158 -3.20 9.64 29.45
CA ASP B 158 -2.08 10.38 30.02
C ASP B 158 -1.27 11.10 28.94
N LYS B 159 -1.45 12.42 28.86
CA LYS B 159 -0.82 13.23 27.81
C LYS B 159 0.70 13.31 27.96
N SER B 160 1.24 12.94 29.13
CA SER B 160 2.68 12.97 29.39
C SER B 160 3.44 11.70 28.96
N HIS B 161 2.73 10.63 28.64
CA HIS B 161 3.35 9.36 28.24
C HIS B 161 4.38 8.87 29.28
N LYS B 162 4.08 9.11 30.55
CA LYS B 162 5.01 8.80 31.65
C LYS B 162 4.32 8.11 32.82
N SER B 163 3.32 8.78 33.38
CA SER B 163 2.67 8.30 34.60
C SER B 163 1.97 6.95 34.43
N ILE B 164 1.15 6.79 33.38
CA ILE B 164 0.48 5.51 33.14
C ILE B 164 1.47 4.40 32.85
N VAL B 165 2.56 4.75 32.17
CA VAL B 165 3.59 3.76 31.83
C VAL B 165 4.27 3.25 33.09
N GLU B 166 4.59 4.17 34.01
CA GLU B 166 5.19 3.80 35.28
C GLU B 166 4.19 3.03 36.16
N ASP B 167 2.93 3.46 36.17
CA ASP B 167 1.94 2.82 37.03
C ASP B 167 1.59 1.43 36.51
N TYR B 168 1.51 1.27 35.19
CA TYR B 168 1.26 -0.03 34.61
C TYR B 168 2.45 -0.96 34.85
N THR B 169 3.64 -0.41 34.70
CA THR B 169 4.86 -1.19 34.83
C THR B 169 5.02 -1.73 36.25
N TYR B 170 4.62 -0.94 37.23
CA TYR B 170 4.71 -1.37 38.62
C TYR B 170 3.68 -2.47 38.89
N PHE B 171 2.49 -2.31 38.33
CA PHE B 171 1.44 -3.32 38.43
C PHE B 171 1.95 -4.65 37.86
N ALA B 172 2.53 -4.62 36.67
CA ALA B 172 3.12 -5.81 36.07
C ALA B 172 4.21 -6.41 36.97
N LYS B 173 5.00 -5.54 37.60
CA LYS B 173 6.06 -5.98 38.52
C LYS B 173 5.47 -6.74 39.72
N VAL B 174 4.37 -6.24 40.25
CA VAL B 174 3.69 -6.86 41.39
C VAL B 174 3.19 -8.26 41.00
N CYS B 175 2.66 -8.39 39.78
CA CYS B 175 2.25 -9.70 39.25
C CYS B 175 3.42 -10.65 39.06
N PHE B 176 4.54 -10.13 38.55
CA PHE B 176 5.73 -10.95 38.34
C PHE B 176 6.33 -11.42 39.69
N ASP B 177 6.39 -10.52 40.66
CA ASP B 177 6.91 -10.84 42.02
C ASP B 177 6.05 -11.89 42.70
N ASN B 178 4.74 -11.67 42.71
CA ASN B 178 3.81 -12.49 43.48
C ASN B 178 3.38 -13.79 42.82
N PHE B 179 3.46 -13.85 41.49
CA PHE B 179 2.96 -15.00 40.72
C PHE B 179 3.93 -15.59 39.71
N GLY B 180 5.07 -14.93 39.51
CA GLY B 180 6.00 -15.32 38.47
C GLY B 180 6.65 -16.67 38.64
N ASP B 181 6.80 -17.13 39.88
CA ASP B 181 7.35 -18.47 40.13
C ASP B 181 6.46 -19.61 39.61
N LYS B 182 5.14 -19.38 39.55
CA LYS B 182 4.18 -20.38 39.09
C LYS B 182 3.64 -20.14 37.67
N VAL B 183 3.62 -18.88 37.24
CA VAL B 183 3.07 -18.50 35.94
C VAL B 183 4.21 -18.43 34.93
N LYS B 184 4.07 -19.17 33.84
CA LYS B 184 5.04 -19.22 32.75
C LYS B 184 4.53 -18.57 31.46
N ASN B 185 3.33 -17.99 31.49
CA ASN B 185 2.71 -17.43 30.27
C ASN B 185 1.97 -16.16 30.61
N TRP B 186 2.53 -15.02 30.21
CA TRP B 186 1.94 -13.71 30.45
C TRP B 186 1.52 -13.05 29.13
N LEU B 187 0.42 -12.30 29.21
CA LEU B 187 -0.02 -11.40 28.15
C LEU B 187 -0.25 -10.05 28.79
N THR B 188 0.45 -9.03 28.31
CA THR B 188 0.41 -7.71 28.91
C THR B 188 -0.94 -7.05 28.73
N PHE B 189 -1.42 -7.06 27.48
CA PHE B 189 -2.66 -6.38 27.13
C PHE B 189 -3.56 -7.27 26.31
N ASN B 190 -4.85 -7.03 26.44
CA ASN B 190 -5.84 -7.68 25.61
C ASN B 190 -6.49 -6.62 24.74
N ASP B 191 -6.59 -6.91 23.45
CA ASP B 191 -7.28 -6.05 22.48
C ASP B 191 -6.98 -4.58 22.67
N PRO B 192 -5.75 -4.15 22.49
CA PRO B 192 -5.49 -2.71 22.49
C PRO B 192 -6.36 -1.97 21.46
N GLN B 193 -6.59 -2.56 20.28
CA GLN B 193 -7.39 -1.86 19.26
C GLN B 193 -8.82 -1.63 19.68
N THR B 194 -9.50 -2.67 20.15
CA THR B 194 -10.88 -2.51 20.58
C THR B 194 -10.98 -1.56 21.78
N PHE B 195 -10.10 -1.75 22.74
CA PHE B 195 -10.10 -0.94 23.94
C PHE B 195 -9.98 0.55 23.62
N THR B 196 -9.01 0.91 22.78
CA THR B 196 -8.78 2.32 22.47
C THR B 196 -9.88 2.89 21.59
N SER B 197 -10.28 2.17 20.55
CA SER B 197 -11.31 2.65 19.62
C SER B 197 -12.69 2.77 20.29
N PHE B 198 -13.02 1.84 21.17
CA PHE B 198 -14.36 1.81 21.76
C PHE B 198 -14.46 2.69 22.99
N SER B 199 -13.37 2.83 23.74
CA SER B 199 -13.35 3.69 24.93
C SER B 199 -13.24 5.18 24.59
N TYR B 200 -12.47 5.50 23.55
CA TYR B 200 -12.17 6.90 23.21
C TYR B 200 -12.56 7.34 21.79
N GLY B 201 -13.07 6.41 20.98
CA GLY B 201 -13.50 6.68 19.61
C GLY B 201 -15.00 6.77 19.48
N THR B 202 -15.68 5.64 19.59
CA THR B 202 -17.15 5.63 19.64
C THR B 202 -17.71 5.84 21.04
N GLY B 203 -16.87 5.66 22.05
CA GLY B 203 -17.27 5.88 23.44
C GLY B 203 -18.23 4.86 24.02
N VAL B 204 -18.33 3.68 23.43
CA VAL B 204 -19.28 2.66 23.92
C VAL B 204 -18.73 1.89 25.12
N PHE B 205 -17.43 2.04 25.35
CA PHE B 205 -16.76 1.45 26.52
C PHE B 205 -16.41 2.56 27.51
N ALA B 206 -16.23 2.19 28.76
CA ALA B 206 -15.75 3.12 29.79
C ALA B 206 -14.43 3.77 29.36
N PRO B 207 -14.29 5.08 29.55
CA PRO B 207 -15.20 5.93 30.31
C PRO B 207 -16.31 6.56 29.47
N GLY B 208 -16.32 6.28 28.17
CA GLY B 208 -17.42 6.67 27.29
C GLY B 208 -17.20 8.02 26.63
N ARG B 209 -16.01 8.22 26.06
CA ARG B 209 -15.62 9.50 25.46
C ARG B 209 -15.62 9.46 23.93
N CYS B 210 -15.93 10.59 23.32
CA CYS B 210 -15.99 10.74 21.87
C CYS B 210 -16.01 12.23 21.49
N SER B 211 -15.87 12.50 20.20
CA SER B 211 -15.89 13.88 19.70
C SER B 211 -17.24 14.54 19.93
N PRO B 212 -17.26 15.86 20.09
CA PRO B 212 -18.50 16.63 20.06
C PRO B 212 -19.36 16.32 18.83
N GLY B 213 -20.66 16.18 19.04
CA GLY B 213 -21.60 15.85 17.98
C GLY B 213 -21.93 14.38 17.88
N LEU B 214 -21.19 13.53 18.60
CA LEU B 214 -21.39 12.08 18.55
C LEU B 214 -22.15 11.59 19.78
N ASP B 215 -22.79 10.44 19.65
CA ASP B 215 -23.66 9.90 20.68
C ASP B 215 -22.89 9.00 21.66
N CYS B 216 -22.35 9.61 22.70
CA CYS B 216 -21.78 8.90 23.85
C CYS B 216 -21.98 9.72 25.14
N ALA B 217 -21.57 9.16 26.28
CA ALA B 217 -21.81 9.79 27.59
C ALA B 217 -21.07 11.12 27.75
N TYR B 218 -19.84 11.19 27.23
CA TYR B 218 -18.99 12.37 27.34
C TYR B 218 -18.45 12.80 25.98
N PRO B 219 -19.27 13.52 25.20
CA PRO B 219 -18.85 14.00 23.87
C PRO B 219 -18.00 15.27 23.93
N THR B 220 -16.91 15.19 24.70
CA THR B 220 -15.98 16.29 24.87
C THR B 220 -14.52 15.82 24.74
N GLY B 221 -14.33 14.68 24.07
CA GLY B 221 -12.99 14.19 23.74
C GLY B 221 -12.68 14.48 22.27
N ASN B 222 -11.95 13.57 21.64
CA ASN B 222 -11.58 13.68 20.24
C ASN B 222 -11.31 12.28 19.67
N SER B 223 -12.27 11.79 18.89
CA SER B 223 -12.23 10.44 18.34
C SER B 223 -11.10 10.20 17.34
N LEU B 224 -10.50 11.26 16.83
CA LEU B 224 -9.37 11.19 15.91
C LEU B 224 -8.01 11.21 16.62
N VAL B 225 -7.96 11.59 17.90
CA VAL B 225 -6.69 11.76 18.61
C VAL B 225 -6.53 10.87 19.83
N GLU B 226 -7.55 10.88 20.70
CA GLU B 226 -7.50 10.16 21.96
C GLU B 226 -7.26 8.65 21.84
N PRO B 227 -7.88 7.95 20.88
CA PRO B 227 -7.55 6.54 20.64
C PRO B 227 -6.08 6.30 20.33
N TYR B 228 -5.44 7.21 19.59
CA TYR B 228 -4.02 7.06 19.28
C TYR B 228 -3.13 7.42 20.48
N THR B 229 -3.57 8.38 21.29
CA THR B 229 -2.86 8.68 22.54
C THR B 229 -2.81 7.44 23.47
N ALA B 230 -3.98 6.84 23.70
CA ALA B 230 -4.10 5.65 24.55
C ALA B 230 -3.33 4.47 23.98
N GLY B 231 -3.40 4.30 22.66
CA GLY B 231 -2.67 3.25 22.00
C GLY B 231 -1.17 3.39 22.15
N HIS B 232 -0.70 4.63 22.09
CA HIS B 232 0.71 4.94 22.23
C HIS B 232 1.17 4.60 23.65
N ASN B 233 0.37 5.01 24.63
CA ASN B 233 0.64 4.70 26.03
C ASN B 233 0.63 3.19 26.29
N ILE B 234 -0.26 2.46 25.63
CA ILE B 234 -0.32 1.01 25.77
C ILE B 234 0.98 0.37 25.30
N LEU B 235 1.47 0.81 24.15
CA LEU B 235 2.69 0.24 23.57
C LEU B 235 3.92 0.59 24.41
N LEU B 236 3.97 1.82 24.94
CA LEU B 236 5.09 2.21 25.81
C LEU B 236 5.06 1.37 27.08
N ALA B 237 3.88 1.19 27.66
CA ALA B 237 3.69 0.35 28.83
C ALA B 237 4.09 -1.10 28.57
N HIS B 238 3.66 -1.64 27.43
CA HIS B 238 3.99 -3.01 27.06
C HIS B 238 5.49 -3.19 26.96
N ALA B 239 6.16 -2.25 26.30
CA ALA B 239 7.59 -2.34 26.07
C ALA B 239 8.39 -2.25 27.40
N GLU B 240 7.94 -1.40 28.32
CA GLU B 240 8.53 -1.25 29.65
C GLU B 240 8.39 -2.54 30.46
N ALA B 241 7.20 -3.15 30.40
CA ALA B 241 6.91 -4.36 31.16
C ALA B 241 7.68 -5.56 30.63
N VAL B 242 7.81 -5.66 29.31
CA VAL B 242 8.59 -6.75 28.72
C VAL B 242 10.09 -6.58 28.98
N ASP B 243 10.57 -5.33 28.98
CA ASP B 243 11.98 -5.04 29.27
C ASP B 243 12.31 -5.49 30.69
N LEU B 244 11.41 -5.18 31.62
CA LEU B 244 11.52 -5.62 33.00
C LEU B 244 11.50 -7.14 33.12
N TYR B 245 10.59 -7.77 32.38
CA TYR B 245 10.39 -9.20 32.48
C TYR B 245 11.62 -9.94 31.94
N ASN B 246 12.10 -9.55 30.76
CA ASN B 246 13.29 -10.14 30.15
C ASN B 246 14.55 -10.04 31.02
N LYS B 247 14.66 -8.93 31.75
CA LYS B 247 15.89 -8.62 32.49
C LYS B 247 15.95 -9.33 33.85
N HIS B 248 14.80 -9.44 34.51
CA HIS B 248 14.75 -9.82 35.93
C HIS B 248 13.79 -10.95 36.30
N TYR B 249 13.07 -11.51 35.32
CA TYR B 249 12.00 -12.46 35.62
C TYR B 249 11.88 -13.66 34.69
N LYS B 250 12.23 -13.48 33.41
CA LYS B 250 12.10 -14.57 32.45
C LYS B 250 13.07 -15.69 32.74
N ARG B 251 12.57 -16.92 32.66
CA ARG B 251 13.40 -18.12 32.63
C ARG B 251 13.25 -18.78 31.26
N ASP B 252 14.00 -19.88 31.05
CA ASP B 252 14.11 -20.51 29.74
C ASP B 252 12.78 -21.09 29.20
N ASP B 253 11.83 -21.35 30.09
CA ASP B 253 10.56 -21.95 29.68
C ASP B 253 9.36 -21.02 29.86
N THR B 254 9.58 -19.76 30.21
CA THR B 254 8.50 -18.78 30.30
C THR B 254 8.46 -17.84 29.09
N ARG B 255 7.30 -17.22 28.91
CA ARG B 255 7.00 -16.48 27.70
C ARG B 255 6.09 -15.29 28.01
N ILE B 256 6.29 -14.21 27.26
CA ILE B 256 5.48 -13.02 27.39
C ILE B 256 5.07 -12.51 26.01
N GLY B 257 3.88 -11.92 25.93
CA GLY B 257 3.39 -11.37 24.68
C GLY B 257 2.19 -10.50 24.95
N LEU B 258 1.30 -10.40 23.97
CA LEU B 258 0.02 -9.72 24.14
C LEU B 258 -0.96 -10.28 23.10
N ALA B 259 -2.24 -9.96 23.25
CA ALA B 259 -3.28 -10.56 22.41
C ALA B 259 -4.02 -9.47 21.66
N PHE B 260 -4.16 -9.66 20.35
CA PHE B 260 -4.80 -8.68 19.46
C PHE B 260 -6.20 -9.13 19.06
N ASP B 261 -7.15 -8.21 19.04
CA ASP B 261 -8.42 -8.45 18.35
C ASP B 261 -8.18 -8.29 16.86
N VAL B 262 -8.78 -9.16 16.06
CA VAL B 262 -8.56 -9.08 14.62
C VAL B 262 -9.69 -9.71 13.85
N MET B 263 -10.31 -8.91 12.97
CA MET B 263 -11.20 -9.43 11.95
C MET B 263 -10.41 -9.66 10.67
N GLY B 264 -10.67 -10.79 10.02
CA GLY B 264 -10.16 -11.03 8.69
C GLY B 264 -10.68 -9.97 7.75
N ARG B 265 -9.87 -9.68 6.74
CA ARG B 265 -10.25 -8.71 5.71
C ARG B 265 -10.13 -9.39 4.34
N VAL B 266 -11.16 -9.22 3.53
CA VAL B 266 -11.20 -9.77 2.17
C VAL B 266 -11.60 -8.60 1.27
N PRO B 267 -10.98 -8.44 0.11
CA PRO B 267 -11.36 -7.33 -0.77
C PRO B 267 -12.83 -7.48 -1.21
N TYR B 268 -13.55 -6.37 -1.20
CA TYR B 268 -14.98 -6.35 -1.52
C TYR B 268 -15.20 -6.82 -2.95
N GLY B 269 -14.48 -6.21 -3.89
CA GLY B 269 -14.58 -6.55 -5.31
C GLY B 269 -13.23 -6.97 -5.89
N THR B 270 -13.16 -7.07 -7.21
CA THR B 270 -11.96 -7.54 -7.91
C THR B 270 -10.97 -6.42 -8.23
N SER B 271 -11.38 -5.18 -8.04
CA SER B 271 -10.54 -4.03 -8.33
C SER B 271 -9.30 -4.03 -7.43
N PHE B 272 -8.17 -3.65 -8.00
CA PHE B 272 -6.95 -3.48 -7.21
C PHE B 272 -7.14 -2.45 -6.09
N LEU B 273 -8.04 -1.49 -6.29
CA LEU B 273 -8.36 -0.52 -5.24
C LEU B 273 -8.89 -1.18 -3.96
N ASP B 274 -9.65 -2.26 -4.10
CA ASP B 274 -10.15 -2.99 -2.92
C ASP B 274 -9.10 -3.86 -2.26
N LYS B 275 -8.11 -4.32 -3.02
CA LYS B 275 -6.96 -4.98 -2.44
C LYS B 275 -6.19 -4.00 -1.57
N GLN B 276 -5.99 -2.79 -2.07
CA GLN B 276 -5.34 -1.74 -1.32
C GLN B 276 -6.15 -1.42 -0.05
N ALA B 277 -7.48 -1.39 -0.19
CA ALA B 277 -8.37 -1.14 0.94
C ALA B 277 -8.19 -2.25 1.97
N GLU B 278 -8.17 -3.49 1.50
CA GLU B 278 -7.97 -4.65 2.36
C GLU B 278 -6.67 -4.51 3.15
N GLU B 279 -5.60 -4.13 2.47
CA GLU B 279 -4.29 -3.99 3.13
C GLU B 279 -4.28 -2.87 4.19
N ARG B 280 -4.88 -1.72 3.87
CA ARG B 280 -5.06 -0.63 4.84
C ARG B 280 -5.89 -1.05 6.06
N SER B 281 -6.81 -2.00 5.86
CA SER B 281 -7.69 -2.47 6.92
C SER B 281 -6.99 -3.44 7.86
N TRP B 282 -6.19 -4.36 7.32
CA TRP B 282 -5.32 -5.20 8.15
C TRP B 282 -4.39 -4.30 8.98
N ASP B 283 -3.82 -3.28 8.35
CA ASP B 283 -2.92 -2.35 9.02
C ASP B 283 -3.55 -1.61 10.20
N ILE B 284 -4.74 -1.06 10.01
CA ILE B 284 -5.34 -0.25 11.05
C ILE B 284 -5.89 -1.10 12.21
N ASN B 285 -6.24 -2.36 11.91
CA ASN B 285 -6.83 -3.27 12.91
C ASN B 285 -5.75 -3.98 13.70
N LEU B 286 -4.87 -4.68 12.98
CA LEU B 286 -3.84 -5.52 13.56
C LEU B 286 -2.48 -4.83 13.57
N GLY B 287 -2.09 -4.27 12.43
CA GLY B 287 -0.80 -3.63 12.27
C GLY B 287 -0.53 -2.51 13.26
N TRP B 288 -1.56 -1.76 13.63
CA TRP B 288 -1.46 -0.65 14.55
C TRP B 288 -0.65 -1.05 15.80
N PHE B 289 -0.93 -2.22 16.36
CA PHE B 289 -0.21 -2.69 17.55
C PHE B 289 0.83 -3.78 17.27
N LEU B 290 0.63 -4.56 16.21
CA LEU B 290 1.56 -5.64 15.86
C LEU B 290 2.87 -5.11 15.31
N GLU B 291 2.80 -4.15 14.40
CA GLU B 291 4.01 -3.65 13.76
C GLU B 291 4.98 -2.96 14.73
N PRO B 292 4.49 -2.16 15.67
CA PRO B 292 5.37 -1.65 16.73
C PRO B 292 6.10 -2.73 17.52
N VAL B 293 5.45 -3.82 17.91
CA VAL B 293 6.13 -4.86 18.68
C VAL B 293 7.03 -5.74 17.80
N VAL B 294 6.76 -5.79 16.50
CA VAL B 294 7.59 -6.56 15.58
C VAL B 294 8.82 -5.76 15.13
N ARG B 295 8.63 -4.50 14.74
CA ARG B 295 9.73 -3.71 14.15
C ARG B 295 10.01 -2.36 14.81
N GLY B 296 9.16 -1.94 15.73
CA GLY B 296 9.43 -0.77 16.55
C GLY B 296 8.75 0.48 16.06
N ASP B 297 7.85 0.36 15.08
CA ASP B 297 7.05 1.50 14.67
C ASP B 297 5.72 1.08 14.03
N TYR B 298 4.80 2.04 13.98
CA TYR B 298 3.51 1.86 13.33
C TYR B 298 3.66 1.58 11.83
N PRO B 299 2.63 0.98 11.24
CA PRO B 299 2.58 0.81 9.79
C PRO B 299 2.69 2.14 9.04
N PHE B 300 3.40 2.11 7.92
CA PHE B 300 3.51 3.25 7.02
C PHE B 300 2.15 3.85 6.69
N SER B 301 1.18 3.01 6.36
CA SER B 301 -0.13 3.52 5.93
C SER B 301 -0.77 4.41 7.00
N MET B 302 -0.67 4.00 8.26
CA MET B 302 -1.22 4.77 9.35
C MET B 302 -0.46 6.09 9.54
N ARG B 303 0.86 6.03 9.44
CA ARG B 303 1.66 7.26 9.52
C ARG B 303 1.26 8.26 8.43
N SER B 304 1.08 7.78 7.21
CA SER B 304 0.72 8.64 6.07
C SER B 304 -0.68 9.22 6.15
N LEU B 305 -1.58 8.53 6.83
CA LEU B 305 -2.99 8.92 6.86
C LEU B 305 -3.40 9.64 8.16
N ALA B 306 -2.98 9.14 9.31
CA ALA B 306 -3.28 9.82 10.57
C ALA B 306 -2.29 10.97 10.84
N ARG B 307 -1.09 10.84 10.28
CA ARG B 307 -0.08 11.89 10.30
C ARG B 307 0.25 12.33 11.73
N GLU B 308 0.05 13.61 12.04
CA GLU B 308 0.42 14.17 13.35
C GLU B 308 -0.41 13.60 14.52
N ARG B 309 -1.58 13.04 14.22
CA ARG B 309 -2.45 12.51 15.26
C ARG B 309 -1.93 11.19 15.80
N LEU B 310 -0.93 10.62 15.12
CA LEU B 310 -0.26 9.42 15.57
C LEU B 310 1.11 9.80 16.14
N PRO B 311 1.31 9.62 17.44
CA PRO B 311 2.60 10.04 18.05
C PRO B 311 3.81 9.27 17.54
N PHE B 312 4.96 9.93 17.56
CA PHE B 312 6.24 9.32 17.23
C PHE B 312 6.92 8.77 18.49
N PHE B 313 7.63 7.65 18.32
CA PHE B 313 8.46 7.03 19.35
C PHE B 313 9.89 7.61 19.38
N LYS B 314 10.43 7.78 20.57
CA LYS B 314 11.88 7.99 20.74
C LYS B 314 12.62 6.75 20.26
N ASP B 315 13.87 6.92 19.82
CA ASP B 315 14.64 5.79 19.32
C ASP B 315 14.85 4.70 20.38
N GLU B 316 15.01 5.10 21.64
CA GLU B 316 15.16 4.15 22.75
C GLU B 316 13.89 3.29 22.90
N GLN B 317 12.73 3.92 22.76
CA GLN B 317 11.45 3.22 22.84
C GLN B 317 11.23 2.24 21.68
N LYS B 318 11.70 2.58 20.48
CA LYS B 318 11.61 1.68 19.33
C LYS B 318 12.42 0.41 19.56
N GLU B 319 13.59 0.58 20.17
CA GLU B 319 14.49 -0.53 20.50
C GLU B 319 13.86 -1.49 21.48
N LYS B 320 13.21 -0.94 22.50
CA LYS B 320 12.51 -1.73 23.50
C LYS B 320 11.28 -2.42 22.91
N LEU B 321 10.65 -1.78 21.93
CA LEU B 321 9.42 -2.30 21.33
C LEU B 321 9.69 -3.45 20.37
N ALA B 322 10.74 -3.33 19.57
CA ALA B 322 11.05 -4.30 18.53
C ALA B 322 11.46 -5.64 19.14
N GLY B 323 10.69 -6.68 18.82
CA GLY B 323 10.95 -8.01 19.32
C GLY B 323 10.47 -8.28 20.73
N SER B 324 9.50 -7.49 21.21
CA SER B 324 9.05 -7.52 22.61
C SER B 324 7.95 -8.55 22.88
N TYR B 325 8.21 -9.78 22.49
CA TYR B 325 7.27 -10.90 22.62
C TYR B 325 8.01 -12.21 22.33
N ASN B 326 7.60 -13.28 23.01
CA ASN B 326 8.00 -14.65 22.71
C ASN B 326 6.85 -15.41 22.05
N MET B 327 5.64 -14.87 22.20
CA MET B 327 4.45 -15.45 21.60
C MET B 327 3.43 -14.35 21.41
N LEU B 328 2.40 -14.66 20.63
CA LEU B 328 1.38 -13.69 20.28
C LEU B 328 0.01 -14.32 20.36
N GLY B 329 -0.96 -13.59 20.92
CA GLY B 329 -2.33 -14.03 20.97
C GLY B 329 -3.17 -13.39 19.87
N LEU B 330 -4.08 -14.17 19.29
CA LEU B 330 -5.02 -13.67 18.30
C LEU B 330 -6.44 -13.98 18.79
N ASN B 331 -7.24 -12.94 18.97
CA ASN B 331 -8.65 -13.06 19.32
C ASN B 331 -9.49 -12.90 18.07
N TYR B 332 -9.85 -14.03 17.47
CA TYR B 332 -10.48 -14.08 16.16
C TYR B 332 -11.90 -14.61 16.25
N TYR B 333 -12.83 -13.86 15.66
CA TYR B 333 -14.25 -14.17 15.67
C TYR B 333 -14.93 -14.14 14.29
N THR B 334 -14.48 -13.23 13.44
CA THR B 334 -15.21 -12.98 12.20
C THR B 334 -14.34 -12.23 11.20
N SER B 335 -14.91 -11.93 10.04
CA SER B 335 -14.22 -11.20 8.99
C SER B 335 -15.16 -10.19 8.32
N ARG B 336 -14.60 -9.30 7.52
CA ARG B 336 -15.34 -8.30 6.75
C ARG B 336 -14.75 -8.12 5.36
N PHE B 337 -15.59 -7.68 4.42
CA PHE B 337 -15.13 -7.19 3.13
C PHE B 337 -14.64 -5.75 3.25
N SER B 338 -13.47 -5.45 2.74
CA SER B 338 -12.94 -4.10 2.73
C SER B 338 -13.12 -3.46 1.35
N LYS B 339 -13.82 -2.32 1.32
CA LYS B 339 -14.15 -1.60 0.09
C LYS B 339 -13.50 -0.21 0.11
N ASN B 340 -12.77 0.10 -0.95
CA ASN B 340 -12.10 1.38 -1.13
C ASN B 340 -12.96 2.63 -0.93
N ILE B 341 -12.35 3.63 -0.28
CA ILE B 341 -12.84 5.01 -0.26
C ILE B 341 -11.68 5.89 -0.69
N ASP B 342 -11.89 6.69 -1.74
CA ASP B 342 -10.86 7.61 -2.20
C ASP B 342 -10.71 8.80 -1.26
N ILE B 343 -9.50 9.34 -1.22
CA ILE B 343 -9.26 10.63 -0.60
C ILE B 343 -9.89 11.70 -1.48
N SER B 344 -10.77 12.50 -0.90
CA SER B 344 -11.39 13.62 -1.60
C SER B 344 -11.95 14.66 -0.63
N PRO B 345 -12.24 15.87 -1.09
CA PRO B 345 -12.81 16.90 -0.19
C PRO B 345 -14.20 16.54 0.33
N ASN B 346 -14.88 15.57 -0.28
CA ASN B 346 -16.20 15.11 0.17
C ASN B 346 -16.15 14.01 1.25
N TYR B 347 -14.95 13.53 1.59
CA TYR B 347 -14.81 12.59 2.69
C TYR B 347 -13.85 13.14 3.76
N SER B 348 -14.28 13.03 5.01
CA SER B 348 -13.45 13.43 6.13
C SER B 348 -13.61 12.41 7.27
N PRO B 349 -12.51 11.81 7.74
CA PRO B 349 -12.59 10.90 8.90
C PRO B 349 -13.26 11.54 10.11
N VAL B 350 -14.11 10.77 10.79
CA VAL B 350 -14.77 11.18 12.03
C VAL B 350 -14.23 10.33 13.20
N LEU B 351 -14.16 9.02 12.99
CA LEU B 351 -13.58 8.08 13.95
C LEU B 351 -12.16 7.72 13.53
N ASN B 352 -11.32 7.39 14.49
CA ASN B 352 -9.94 6.93 14.22
C ASN B 352 -9.88 5.80 13.18
N THR B 353 -10.82 4.86 13.27
CA THR B 353 -10.90 3.75 12.32
C THR B 353 -11.22 4.18 10.88
N ASP B 354 -11.81 5.37 10.69
CA ASP B 354 -12.00 5.96 9.35
C ASP B 354 -10.68 6.33 8.65
N ASP B 355 -9.58 6.42 9.39
CA ASP B 355 -8.27 6.69 8.78
C ASP B 355 -7.80 5.61 7.80
N ALA B 356 -8.47 4.47 7.77
CA ALA B 356 -8.11 3.40 6.85
C ALA B 356 -8.63 3.64 5.42
N TYR B 357 -9.55 4.59 5.25
CA TYR B 357 -10.15 4.86 3.94
C TYR B 357 -10.66 3.56 3.33
N ALA B 358 -11.50 2.88 4.10
CA ALA B 358 -12.10 1.61 3.71
C ALA B 358 -13.36 1.38 4.53
N SER B 359 -14.49 1.12 3.87
CA SER B 359 -15.66 0.64 4.59
C SER B 359 -15.53 -0.87 4.81
N GLN B 360 -16.02 -1.33 5.96
CA GLN B 360 -15.94 -2.71 6.34
C GLN B 360 -17.35 -3.28 6.27
N GLU B 361 -17.57 -4.16 5.30
CA GLU B 361 -18.91 -4.61 4.95
C GLU B 361 -19.13 -6.06 5.35
N VAL B 362 -20.28 -6.33 5.95
CA VAL B 362 -20.72 -7.71 6.17
C VAL B 362 -21.10 -8.38 4.86
N ASN B 363 -21.82 -7.66 4.00
CA ASN B 363 -22.30 -8.22 2.73
C ASN B 363 -21.38 -7.85 1.57
N GLY B 364 -20.99 -8.85 0.78
CA GLY B 364 -20.23 -8.62 -0.43
C GLY B 364 -21.12 -8.08 -1.55
N PRO B 365 -20.56 -7.91 -2.74
CA PRO B 365 -21.30 -7.33 -3.88
C PRO B 365 -22.51 -8.15 -4.35
N ASP B 366 -22.55 -9.44 -4.03
CA ASP B 366 -23.72 -10.27 -4.34
C ASP B 366 -24.90 -10.04 -3.36
N GLY B 367 -24.66 -9.28 -2.29
CA GLY B 367 -25.64 -9.04 -1.25
C GLY B 367 -25.70 -10.10 -0.16
N LYS B 368 -24.85 -11.13 -0.25
CA LYS B 368 -24.79 -12.19 0.75
C LYS B 368 -23.80 -11.83 1.87
N PRO B 369 -24.08 -12.24 3.11
CA PRO B 369 -23.13 -12.03 4.21
C PRO B 369 -21.86 -12.85 3.99
N ILE B 370 -20.73 -12.37 4.52
CA ILE B 370 -19.45 -13.03 4.32
C ILE B 370 -19.50 -14.48 4.81
N GLY B 371 -20.31 -14.71 5.83
CA GLY B 371 -20.64 -16.05 6.30
C GLY B 371 -21.94 -16.03 7.11
N PRO B 372 -22.45 -17.19 7.51
CA PRO B 372 -23.72 -17.22 8.26
C PRO B 372 -23.68 -16.42 9.57
N PRO B 373 -24.74 -15.69 9.91
CA PRO B 373 -24.78 -14.94 11.17
C PRO B 373 -24.86 -15.89 12.37
N MET B 374 -24.08 -15.59 13.41
CA MET B 374 -24.06 -16.42 14.61
C MET B 374 -25.03 -15.94 15.71
N GLY B 375 -25.74 -14.84 15.46
CA GLY B 375 -26.86 -14.45 16.32
C GLY B 375 -26.83 -13.06 16.89
N ASN B 376 -25.63 -12.58 17.24
CA ASN B 376 -25.46 -11.25 17.80
C ASN B 376 -25.23 -10.21 16.67
N PRO B 377 -25.06 -8.92 17.00
CA PRO B 377 -24.90 -7.92 15.95
C PRO B 377 -23.64 -8.01 15.07
N TRP B 378 -22.61 -8.77 15.45
CA TRP B 378 -21.36 -8.65 14.72
C TRP B 378 -20.63 -9.92 14.29
N ILE B 379 -20.97 -11.08 14.84
CA ILE B 379 -20.24 -12.30 14.51
C ILE B 379 -20.87 -13.02 13.33
N TYR B 380 -20.09 -13.14 12.26
CA TYR B 380 -20.45 -13.91 11.07
C TYR B 380 -19.35 -14.97 10.87
N MET B 381 -19.77 -16.23 10.74
CA MET B 381 -18.86 -17.38 10.68
C MET B 381 -18.09 -17.42 9.37
N TYR B 382 -16.77 -17.19 9.47
CA TYR B 382 -15.88 -17.23 8.33
C TYR B 382 -14.52 -17.77 8.77
N PRO B 383 -14.43 -19.09 8.99
CA PRO B 383 -13.17 -19.72 9.39
C PRO B 383 -12.03 -19.50 8.40
N GLU B 384 -12.34 -19.26 7.13
CA GLU B 384 -11.30 -19.01 6.13
C GLU B 384 -10.45 -17.80 6.51
N GLY B 385 -11.06 -16.81 7.15
CA GLY B 385 -10.35 -15.64 7.63
C GLY B 385 -9.27 -15.94 8.66
N LEU B 386 -9.51 -16.92 9.53
CA LEU B 386 -8.47 -17.35 10.48
C LEU B 386 -7.26 -17.86 9.74
N LYS B 387 -7.49 -18.70 8.73
CA LYS B 387 -6.42 -19.23 7.90
C LYS B 387 -5.65 -18.09 7.23
N ASP B 388 -6.37 -17.14 6.63
CA ASP B 388 -5.75 -15.98 5.98
C ASP B 388 -4.80 -15.26 6.95
N LEU B 389 -5.30 -15.05 8.16
CA LEU B 389 -4.57 -14.34 9.20
C LEU B 389 -3.32 -15.11 9.65
N LEU B 390 -3.44 -16.41 9.84
CA LEU B 390 -2.29 -17.22 10.23
C LEU B 390 -1.24 -17.28 9.13
N MET B 391 -1.67 -17.20 7.87
CA MET B 391 -0.73 -17.14 6.74
C MET B 391 -0.03 -15.78 6.67
N ILE B 392 -0.72 -14.69 7.02
CA ILE B 392 -0.10 -13.38 7.12
C ILE B 392 0.95 -13.39 8.25
N MET B 393 0.63 -14.05 9.35
CA MET B 393 1.57 -14.12 10.47
C MET B 393 2.79 -14.96 10.08
N LYS B 394 2.57 -16.02 9.30
CA LYS B 394 3.64 -16.90 8.83
C LYS B 394 4.58 -16.19 7.85
N ASN B 395 3.99 -15.60 6.81
CA ASN B 395 4.74 -15.12 5.66
C ASN B 395 5.22 -13.67 5.74
N LYS B 396 4.50 -12.82 6.48
CA LYS B 396 4.86 -11.41 6.60
C LYS B 396 5.57 -11.08 7.92
N TYR B 397 5.15 -11.70 9.01
CA TYR B 397 5.54 -11.26 10.35
C TYR B 397 6.44 -12.24 11.14
N GLY B 398 7.08 -13.16 10.44
CA GLY B 398 8.16 -13.96 11.01
C GLY B 398 7.75 -15.31 11.56
N ASN B 399 6.49 -15.69 11.37
CA ASN B 399 5.94 -16.96 11.87
C ASN B 399 6.20 -17.24 13.38
N PRO B 400 5.87 -16.29 14.24
CA PRO B 400 6.09 -16.46 15.68
C PRO B 400 5.10 -17.46 16.28
N PRO B 401 5.36 -17.97 17.48
CA PRO B 401 4.39 -18.80 18.19
C PRO B 401 3.07 -18.07 18.40
N ILE B 402 1.97 -18.68 17.95
CA ILE B 402 0.65 -18.08 18.00
C ILE B 402 -0.30 -18.90 18.87
N TYR B 403 -1.08 -18.24 19.71
CA TYR B 403 -2.20 -18.87 20.37
C TYR B 403 -3.46 -18.13 19.94
N ILE B 404 -4.51 -18.87 19.61
CA ILE B 404 -5.83 -18.25 19.41
C ILE B 404 -6.41 -18.11 20.81
N THR B 405 -6.19 -16.94 21.40
CA THR B 405 -6.54 -16.69 22.79
C THR B 405 -8.02 -16.42 23.06
N GLU B 406 -8.80 -16.21 21.98
CA GLU B 406 -10.26 -16.17 22.07
C GLU B 406 -10.89 -16.61 20.74
N ASN B 407 -12.01 -17.33 20.84
CA ASN B 407 -12.82 -17.72 19.66
C ASN B 407 -14.17 -18.26 20.18
N GLY B 408 -15.29 -17.74 19.68
CA GLY B 408 -16.59 -18.18 20.12
C GLY B 408 -17.75 -17.36 19.57
N ILE B 409 -18.97 -17.63 20.06
CA ILE B 409 -20.15 -16.85 19.69
C ILE B 409 -20.97 -16.46 20.90
N GLY B 410 -21.81 -15.44 20.75
CA GLY B 410 -22.74 -15.02 21.76
C GLY B 410 -24.19 -15.33 21.44
N ASP B 411 -24.82 -16.19 22.24
CA ASP B 411 -26.25 -16.46 22.10
C ASP B 411 -27.07 -15.32 22.73
N VAL B 412 -27.99 -14.76 21.98
CA VAL B 412 -28.77 -13.63 22.46
C VAL B 412 -29.84 -14.13 23.45
N ASP B 413 -30.00 -13.39 24.55
CA ASP B 413 -30.90 -13.73 25.64
C ASP B 413 -31.34 -12.43 26.31
N THR B 414 -32.55 -12.00 25.98
CA THR B 414 -33.04 -10.70 26.41
C THR B 414 -34.39 -10.84 27.14
N LYS B 415 -34.78 -9.78 27.86
CA LYS B 415 -36.08 -9.73 28.56
C LYS B 415 -37.25 -9.88 27.59
N GLU B 416 -37.13 -9.29 26.40
CA GLU B 416 -38.20 -9.29 25.39
C GLU B 416 -38.25 -10.61 24.61
N THR B 417 -37.10 -11.30 24.54
CA THR B 417 -36.94 -12.55 23.80
C THR B 417 -36.02 -13.48 24.60
N PRO B 418 -36.54 -14.04 25.69
CA PRO B 418 -35.74 -14.91 26.56
C PRO B 418 -35.25 -16.15 25.84
N LEU B 419 -34.13 -16.68 26.31
CA LEU B 419 -33.57 -17.92 25.78
C LEU B 419 -33.86 -18.99 26.83
N PRO B 420 -34.77 -19.92 26.54
CA PRO B 420 -35.01 -21.04 27.44
C PRO B 420 -33.71 -21.75 27.77
N MET B 421 -33.50 -22.07 29.05
CA MET B 421 -32.30 -22.79 29.48
C MET B 421 -32.05 -24.01 28.61
N GLU B 422 -33.11 -24.70 28.19
CA GLU B 422 -32.97 -25.88 27.35
C GLU B 422 -32.28 -25.58 26.00
N ALA B 423 -32.66 -24.50 25.35
CA ALA B 423 -32.04 -24.06 24.09
C ALA B 423 -30.60 -23.56 24.29
N ALA B 424 -30.39 -22.85 25.41
CA ALA B 424 -29.07 -22.34 25.78
C ALA B 424 -28.06 -23.48 25.93
N LEU B 425 -28.51 -24.59 26.52
CA LEU B 425 -27.67 -25.74 26.75
C LEU B 425 -27.42 -26.53 25.47
N ASN B 426 -28.42 -26.56 24.57
CA ASN B 426 -28.28 -27.25 23.27
C ASN B 426 -27.65 -26.31 22.23
N ASP B 427 -26.40 -25.92 22.49
CA ASP B 427 -25.76 -24.85 21.73
C ASP B 427 -24.99 -25.38 20.53
N TYR B 428 -25.72 -26.07 19.65
CA TYR B 428 -25.11 -26.72 18.50
C TYR B 428 -24.55 -25.73 17.50
N LYS B 429 -25.10 -24.52 17.46
CA LYS B 429 -24.56 -23.47 16.61
C LYS B 429 -23.14 -23.10 17.06
N ARG B 430 -22.96 -22.93 18.36
CA ARG B 430 -21.64 -22.65 18.94
C ARG B 430 -20.72 -23.81 18.65
N LEU B 431 -21.22 -25.03 18.84
CA LEU B 431 -20.40 -26.22 18.71
C LEU B 431 -19.87 -26.36 17.30
N ASP B 432 -20.75 -26.18 16.33
CA ASP B 432 -20.39 -26.22 14.92
C ASP B 432 -19.28 -25.20 14.63
N TYR B 433 -19.47 -23.99 15.15
CA TYR B 433 -18.52 -22.89 14.96
C TYR B 433 -17.14 -23.24 15.54
N ILE B 434 -17.14 -23.79 16.75
CA ILE B 434 -15.89 -24.18 17.40
C ILE B 434 -15.21 -25.28 16.61
N GLN B 435 -15.99 -26.26 16.14
CA GLN B 435 -15.43 -27.40 15.40
C GLN B 435 -14.77 -26.94 14.10
N ARG B 436 -15.44 -26.04 13.40
CA ARG B 436 -14.95 -25.53 12.13
C ARG B 436 -13.67 -24.71 12.28
N HIS B 437 -13.57 -23.91 13.34
CA HIS B 437 -12.37 -23.13 13.55
C HIS B 437 -11.19 -23.99 13.99
N ILE B 438 -11.45 -25.02 14.80
CA ILE B 438 -10.38 -25.95 15.21
C ILE B 438 -9.84 -26.72 14.01
N ALA B 439 -10.73 -27.12 13.12
CA ALA B 439 -10.34 -27.83 11.91
C ALA B 439 -9.53 -26.91 10.99
N THR B 440 -9.85 -25.62 11.00
CA THR B 440 -9.07 -24.63 10.27
C THR B 440 -7.64 -24.51 10.80
N LEU B 441 -7.47 -24.68 12.10
CA LEU B 441 -6.15 -24.64 12.71
C LEU B 441 -5.26 -25.80 12.24
N LYS B 442 -5.85 -26.99 12.07
CA LYS B 442 -5.12 -28.14 11.55
C LYS B 442 -4.70 -27.89 10.10
N GLU B 443 -5.62 -27.39 9.28
CA GLU B 443 -5.31 -27.00 7.90
C GLU B 443 -4.17 -25.97 7.89
N SER B 444 -4.18 -25.04 8.83
CA SER B 444 -3.17 -23.98 8.90
C SER B 444 -1.80 -24.54 9.30
N ILE B 445 -1.77 -25.44 10.28
CA ILE B 445 -0.55 -26.16 10.65
C ILE B 445 0.05 -26.92 9.45
N ASP B 446 -0.80 -27.56 8.65
CA ASP B 446 -0.34 -28.30 7.48
C ASP B 446 0.34 -27.36 6.48
N LEU B 447 -0.12 -26.10 6.43
CA LEU B 447 0.48 -25.06 5.60
C LEU B 447 1.67 -24.34 6.26
N GLY B 448 2.09 -24.80 7.44
CA GLY B 448 3.28 -24.27 8.10
C GLY B 448 3.09 -23.20 9.17
N SER B 449 1.85 -22.94 9.58
CA SER B 449 1.59 -21.99 10.67
C SER B 449 2.21 -22.48 11.97
N ASN B 450 2.86 -21.56 12.68
CA ASN B 450 3.41 -21.84 14.00
C ASN B 450 2.38 -21.63 15.12
N VAL B 451 1.10 -21.94 14.84
CA VAL B 451 0.03 -21.88 15.85
C VAL B 451 0.15 -23.06 16.84
N GLN B 452 0.00 -22.77 18.12
CA GLN B 452 0.30 -23.73 19.19
C GLN B 452 -0.83 -23.98 20.17
N GLY B 453 -1.94 -23.26 20.02
CA GLY B 453 -3.06 -23.44 20.92
C GLY B 453 -4.33 -22.70 20.52
N TYR B 454 -5.40 -23.02 21.23
CA TYR B 454 -6.74 -22.53 20.97
C TYR B 454 -7.48 -22.40 22.29
N PHE B 455 -8.07 -21.22 22.53
CA PHE B 455 -8.84 -20.98 23.73
C PHE B 455 -10.25 -20.57 23.33
N ALA B 456 -11.24 -21.33 23.77
CA ALA B 456 -12.63 -20.95 23.64
C ALA B 456 -12.93 -19.72 24.47
N TRP B 457 -13.44 -18.67 23.84
CA TRP B 457 -13.84 -17.51 24.61
C TRP B 457 -15.10 -17.83 25.34
N SER B 458 -14.86 -17.94 26.64
CA SER B 458 -15.83 -18.00 27.67
C SER B 458 -16.04 -19.43 28.12
N LEU B 459 -15.20 -19.81 29.07
CA LEU B 459 -15.56 -20.79 30.06
C LEU B 459 -16.99 -20.55 30.50
N LEU B 460 -17.33 -19.28 30.78
CA LEU B 460 -18.57 -18.92 31.47
C LEU B 460 -19.37 -17.84 30.76
N ASP B 461 -20.69 -17.99 30.78
CA ASP B 461 -21.57 -16.87 30.50
C ASP B 461 -21.21 -15.75 31.47
N ASN B 462 -21.07 -14.55 30.95
CA ASN B 462 -20.56 -13.43 31.72
C ASN B 462 -21.10 -12.06 31.24
N PHE B 463 -20.60 -10.99 31.88
CA PHE B 463 -20.97 -9.63 31.54
C PHE B 463 -20.26 -9.22 30.24
N GLU B 464 -21.04 -9.06 29.17
CA GLU B 464 -20.51 -8.75 27.84
C GLU B 464 -20.47 -7.24 27.58
N TRP B 465 -19.77 -6.52 28.47
CA TRP B 465 -19.44 -5.12 28.27
C TRP B 465 -20.72 -4.30 28.02
N PHE B 466 -20.78 -3.47 26.98
CA PHE B 466 -22.00 -2.65 26.75
C PHE B 466 -23.25 -3.45 26.39
N ALA B 467 -23.09 -4.74 26.07
CA ALA B 467 -24.24 -5.62 25.86
C ALA B 467 -24.86 -6.16 27.15
N GLY B 468 -24.22 -5.92 28.29
CA GLY B 468 -24.68 -6.46 29.57
C GLY B 468 -24.73 -7.99 29.54
N PHE B 469 -25.81 -8.55 30.08
CA PHE B 469 -26.04 -10.00 30.04
C PHE B 469 -26.96 -10.44 28.88
N THR B 470 -27.15 -9.58 27.89
CA THR B 470 -27.96 -9.94 26.73
C THR B 470 -27.31 -10.93 25.79
N GLU B 471 -26.01 -11.18 25.97
CA GLU B 471 -25.32 -12.20 25.18
C GLU B 471 -24.57 -13.20 26.07
N ARG B 472 -24.78 -14.48 25.80
CA ARG B 472 -24.12 -15.58 26.51
C ARG B 472 -23.04 -16.22 25.63
N TYR B 473 -21.78 -16.08 26.03
CA TYR B 473 -20.63 -16.62 25.27
C TYR B 473 -20.06 -17.91 25.87
N GLY B 474 -20.61 -18.35 26.98
CA GLY B 474 -20.11 -19.51 27.68
C GLY B 474 -20.23 -20.82 26.93
N ILE B 475 -19.24 -21.69 27.13
CA ILE B 475 -19.41 -23.11 26.88
C ILE B 475 -20.10 -23.73 28.11
N VAL B 476 -20.14 -22.97 29.20
CA VAL B 476 -20.86 -23.35 30.43
C VAL B 476 -21.88 -22.28 30.77
N TYR B 477 -23.12 -22.71 30.96
CA TYR B 477 -24.23 -21.83 31.29
C TYR B 477 -24.12 -21.35 32.73
N VAL B 478 -24.47 -20.09 32.98
CA VAL B 478 -24.50 -19.55 34.33
C VAL B 478 -25.90 -19.08 34.67
N ASP B 479 -26.56 -19.78 35.59
CA ASP B 479 -27.90 -19.40 36.01
C ASP B 479 -27.85 -18.29 37.04
N ARG B 480 -28.13 -17.07 36.60
CA ARG B 480 -28.16 -15.91 37.48
C ARG B 480 -29.39 -15.88 38.40
N ASN B 481 -30.46 -16.56 38.00
CA ASN B 481 -31.66 -16.68 38.83
C ASN B 481 -31.46 -17.63 40.01
N ASN B 482 -30.51 -18.56 39.88
CA ASN B 482 -30.15 -19.41 40.98
C ASN B 482 -29.05 -18.67 41.77
N ASN B 483 -27.87 -19.24 41.93
CA ASN B 483 -26.78 -18.47 42.54
C ASN B 483 -25.56 -18.63 41.64
N CYS B 484 -25.71 -18.20 40.40
CA CYS B 484 -24.71 -18.46 39.35
C CYS B 484 -24.26 -19.91 39.27
N THR B 485 -25.20 -20.85 39.44
CA THR B 485 -24.92 -22.27 39.26
C THR B 485 -24.51 -22.53 37.81
N ARG B 486 -23.54 -23.42 37.63
CA ARG B 486 -22.93 -23.72 36.33
C ARG B 486 -23.40 -25.07 35.78
N TYR B 487 -23.86 -25.08 34.54
CA TYR B 487 -24.16 -26.33 33.83
C TYR B 487 -23.41 -26.37 32.50
N MET B 488 -22.76 -27.49 32.22
CA MET B 488 -22.07 -27.67 30.94
C MET B 488 -23.08 -27.64 29.78
N LYS B 489 -22.74 -26.90 28.73
CA LYS B 489 -23.51 -26.89 27.49
C LYS B 489 -22.98 -28.01 26.60
N GLU B 490 -23.69 -28.31 25.52
CA GLU B 490 -23.26 -29.33 24.58
C GLU B 490 -21.85 -29.06 24.03
N SER B 491 -21.56 -27.78 23.77
CA SER B 491 -20.21 -27.37 23.35
C SER B 491 -19.14 -27.82 24.33
N ALA B 492 -19.37 -27.61 25.62
CA ALA B 492 -18.44 -28.07 26.66
C ALA B 492 -18.34 -29.60 26.70
N LYS B 493 -19.46 -30.28 26.47
CA LYS B 493 -19.49 -31.73 26.52
C LYS B 493 -18.67 -32.33 25.37
N TRP B 494 -18.71 -31.71 24.20
CA TRP B 494 -17.88 -32.15 23.09
C TRP B 494 -16.40 -31.86 23.35
N LEU B 495 -16.11 -30.69 23.90
CA LEU B 495 -14.71 -30.34 24.21
C LEU B 495 -14.10 -31.32 25.22
N LYS B 496 -14.91 -31.78 26.17
CA LYS B 496 -14.52 -32.82 27.12
C LYS B 496 -14.16 -34.12 26.41
N GLU B 497 -15.08 -34.59 25.57
CA GLU B 497 -14.89 -35.79 24.76
C GLU B 497 -13.64 -35.67 23.89
N PHE B 498 -13.46 -34.49 23.31
CA PHE B 498 -12.34 -34.18 22.41
C PHE B 498 -11.01 -34.30 23.15
N ASN B 499 -10.91 -33.64 24.30
CA ASN B 499 -9.67 -33.61 25.09
C ASN B 499 -9.33 -34.94 25.79
N THR B 500 -10.34 -35.72 26.17
CA THR B 500 -10.11 -36.88 27.06
C THR B 500 -10.20 -38.25 26.38
N ALA B 501 -10.34 -38.29 25.06
CA ALA B 501 -10.45 -39.56 24.34
C ALA B 501 -9.17 -40.39 24.54
N LYS B 502 -8.08 -39.81 24.63
C1 NTZ C . 13.07 9.31 -23.31
C2 NTZ C . 12.72 10.39 -24.20
C3 NTZ C . 13.74 10.62 -25.31
C4 NTZ C . 15.17 10.55 -24.76
C5 NTZ C . 15.38 9.11 -24.33
C6 NTZ C . 16.76 8.89 -23.69
N1 NTZ C . 14.42 8.91 -23.32
N17 NTZ C . 14.52 7.98 -22.30
N18 NTZ C . 13.24 7.89 -21.75
N21 NTZ C . 12.55 8.83 -22.22
O2 NTZ C . 11.37 10.32 -24.72
O3 NTZ C . 13.42 11.92 -25.82
O4 NTZ C . 16.11 10.86 -25.79
O6 NTZ C . 16.96 9.78 -22.59
C1 NTZ D . 15.38 9.80 -17.84
C2 NTZ D . 14.46 10.24 -18.87
C3 NTZ D . 15.25 10.60 -20.14
C4 NTZ D . 16.20 11.72 -19.77
C5 NTZ D . 17.31 10.99 -19.03
C6 NTZ D . 18.35 12.01 -18.57
N1 NTZ D . 16.68 10.38 -17.90
N17 NTZ D . 17.31 9.83 -16.77
N18 NTZ D . 16.33 9.12 -16.04
N21 NTZ D . 15.22 9.34 -16.61
O2 NTZ D . 13.27 9.47 -19.10
O3 NTZ D . 14.36 11.08 -21.14
O4 NTZ D . 16.63 12.43 -20.95
O6 NTZ D . 18.63 12.95 -19.62
C1 NTZ E . -13.11 -9.88 23.00
C2 NTZ E . -12.87 -9.51 24.39
C3 NTZ E . -13.79 -10.21 25.36
C4 NTZ E . -15.22 -10.15 24.85
C5 NTZ E . -15.27 -11.04 23.62
C6 NTZ E . -16.66 -10.99 22.98
N1 NTZ E . -14.36 -10.44 22.74
N17 NTZ E . -14.48 -10.37 21.34
N18 NTZ E . -13.24 -9.95 20.88
N21 NTZ E . -12.59 -9.52 21.85
O2 NTZ E . -11.50 -9.65 24.82
O3 NTZ E . -13.69 -9.52 26.60
O4 NTZ E . -16.10 -10.68 25.83
O6 NTZ E . -16.94 -9.67 22.52
C1 NTZ F . -16.43 -6.12 18.16
C2 NTZ F . -15.02 -6.25 18.47
C3 NTZ F . -14.77 -7.00 19.78
C4 NTZ F . -15.63 -6.50 20.95
C5 NTZ F . -17.11 -6.57 20.58
C6 NTZ F . -18.00 -5.71 21.49
N1 NTZ F . -17.25 -6.01 19.28
N17 NTZ F . -18.47 -5.50 18.77
N18 NTZ F . -18.22 -5.19 17.42
N21 NTZ F . -17.07 -5.60 17.14
O2 NTZ F . -14.16 -6.72 17.43
O3 NTZ F . -13.37 -6.76 20.03
O4 NTZ F . -15.38 -7.34 22.09
O6 NTZ F . -17.65 -5.87 22.87
#